data_1Z8V
# 
_entry.id   1Z8V 
# 
_audit_conform.dict_name       mmcif_pdbx.dic 
_audit_conform.dict_version    5.389 
_audit_conform.dict_location   http://mmcif.pdb.org/dictionaries/ascii/mmcif_pdbx.dic 
# 
loop_
_database_2.database_id 
_database_2.database_code 
_database_2.pdbx_database_accession 
_database_2.pdbx_DOI 
PDB   1Z8V         pdb_00001z8v 10.2210/pdb1z8v/pdb 
NDB   BD0078       ?            ?                   
RCSB  RCSB032444   ?            ?                   
WWPDB D_1000032444 ?            ?                   
# 
loop_
_pdbx_audit_revision_history.ordinal 
_pdbx_audit_revision_history.data_content_type 
_pdbx_audit_revision_history.major_revision 
_pdbx_audit_revision_history.minor_revision 
_pdbx_audit_revision_history.revision_date 
1 'Structure model' 1 0 2006-03-14 
2 'Structure model' 1 1 2008-04-30 
3 'Structure model' 1 2 2011-07-13 
4 'Structure model' 1 3 2024-02-14 
5 'Structure model' 1 4 2024-04-03 
# 
_pdbx_audit_revision_details.ordinal             1 
_pdbx_audit_revision_details.revision_ordinal    1 
_pdbx_audit_revision_details.data_content_type   'Structure model' 
_pdbx_audit_revision_details.provider            repository 
_pdbx_audit_revision_details.type                'Initial release' 
_pdbx_audit_revision_details.description         ? 
_pdbx_audit_revision_details.details             ? 
# 
loop_
_pdbx_audit_revision_group.ordinal 
_pdbx_audit_revision_group.revision_ordinal 
_pdbx_audit_revision_group.data_content_type 
_pdbx_audit_revision_group.group 
1 2 'Structure model' 'Version format compliance' 
2 3 'Structure model' 'Version format compliance' 
3 4 'Structure model' 'Data collection'           
4 4 'Structure model' 'Database references'       
5 4 'Structure model' 'Derived calculations'      
6 5 'Structure model' 'Refinement description'    
# 
loop_
_pdbx_audit_revision_category.ordinal 
_pdbx_audit_revision_category.revision_ordinal 
_pdbx_audit_revision_category.data_content_type 
_pdbx_audit_revision_category.category 
1 4 'Structure model' chem_comp_atom                
2 4 'Structure model' chem_comp_bond                
3 4 'Structure model' database_2                    
4 4 'Structure model' diffrn_source                 
5 4 'Structure model' struct_site                   
6 5 'Structure model' pdbx_initial_refinement_model 
# 
loop_
_pdbx_audit_revision_item.ordinal 
_pdbx_audit_revision_item.revision_ordinal 
_pdbx_audit_revision_item.data_content_type 
_pdbx_audit_revision_item.item 
1 4 'Structure model' '_database_2.pdbx_DOI'                 
2 4 'Structure model' '_database_2.pdbx_database_accession'  
3 4 'Structure model' '_diffrn_source.pdbx_synchrotron_site' 
4 4 'Structure model' '_struct_site.pdbx_auth_asym_id'       
5 4 'Structure model' '_struct_site.pdbx_auth_comp_id'       
6 4 'Structure model' '_struct_site.pdbx_auth_seq_id'        
# 
_pdbx_database_status.status_code                     REL 
_pdbx_database_status.entry_id                        1Z8V 
_pdbx_database_status.recvd_initial_deposition_date   2005-03-31 
_pdbx_database_status.deposit_site                    RCSB 
_pdbx_database_status.process_site                    RCSB 
_pdbx_database_status.status_code_sf                  REL 
_pdbx_database_status.status_code_mr                  ? 
_pdbx_database_status.SG_entry                        ? 
_pdbx_database_status.pdb_format_compatible           Y 
_pdbx_database_status.status_code_cs                  ? 
_pdbx_database_status.status_code_nmr_data            ? 
_pdbx_database_status.methods_development_category    ? 
# 
loop_
_audit_author.name 
_audit_author.pdbx_ordinal 
'Van Hecke, K.'    1 
'Nam, P.C.'        2 
'Nguyen, M.T.'     3 
'Van Meervelt, L.' 4 
# 
_citation.id                        primary 
_citation.title                     
;Netropsin interactions in the minor groove of d(GGCCAATTGG) studied by a combination of resolution enhancement and ab initio calculations.
;
_citation.journal_abbrev            'Febs J.' 
_citation.journal_volume            272 
_citation.page_first                3531 
_citation.page_last                 3541 
_citation.year                      2005 
_citation.journal_id_ASTM           ? 
_citation.country                   UK 
_citation.journal_id_ISSN           1742-464X 
_citation.journal_id_CSD            ? 
_citation.book_publisher            ? 
_citation.pdbx_database_id_PubMed   16008554 
_citation.pdbx_database_id_DOI      10.1111/j.1742-4658.2005.04773.x 
# 
loop_
_citation_author.citation_id 
_citation_author.name 
_citation_author.ordinal 
_citation_author.identifier_ORCID 
primary 'Van Hecke, K.'    1 ? 
primary 'Nam, P.C.'        2 ? 
primary 'Nguyen, M.T.'     3 ? 
primary 'Van Meervelt, L.' 4 ? 
# 
loop_
_entity.id 
_entity.type 
_entity.src_method 
_entity.pdbx_description 
_entity.formula_weight 
_entity.pdbx_number_of_molecules 
_entity.pdbx_ec 
_entity.pdbx_mutation 
_entity.pdbx_fragment 
_entity.details 
1 polymer     syn "(5'-D(*GP*GP*CP*CP*AP*AP*TP*TP*GP*G)-3')" 3085.029 2  ? ? ? ? 
2 non-polymer syn NETROPSIN                                  430.464  1  ? ? ? ? 
3 water       nat water                                      18.015   68 ? ? ? ? 
# 
_entity_poly.entity_id                      1 
_entity_poly.type                           polydeoxyribonucleotide 
_entity_poly.nstd_linkage                   no 
_entity_poly.nstd_monomer                   no 
_entity_poly.pdbx_seq_one_letter_code       '(DG)(DG)(DC)(DC)(DA)(DA)(DT)(DT)(DG)(DG)' 
_entity_poly.pdbx_seq_one_letter_code_can   GGCCAATTGG 
_entity_poly.pdbx_strand_id                 A,B 
_entity_poly.pdbx_target_identifier         ? 
# 
loop_
_pdbx_entity_nonpoly.entity_id 
_pdbx_entity_nonpoly.name 
_pdbx_entity_nonpoly.comp_id 
2 NETROPSIN NT  
3 water     HOH 
# 
loop_
_entity_poly_seq.entity_id 
_entity_poly_seq.num 
_entity_poly_seq.mon_id 
_entity_poly_seq.hetero 
1 1  DG n 
1 2  DG n 
1 3  DC n 
1 4  DC n 
1 5  DA n 
1 6  DA n 
1 7  DT n 
1 8  DT n 
1 9  DG n 
1 10 DG n 
# 
_pdbx_entity_src_syn.entity_id              1 
_pdbx_entity_src_syn.pdbx_src_id            1 
_pdbx_entity_src_syn.pdbx_alt_source_flag   sample 
_pdbx_entity_src_syn.pdbx_beg_seq_num       ? 
_pdbx_entity_src_syn.pdbx_end_seq_num       ? 
_pdbx_entity_src_syn.organism_scientific    ? 
_pdbx_entity_src_syn.organism_common_name   ? 
_pdbx_entity_src_syn.ncbi_taxonomy_id       ? 
_pdbx_entity_src_syn.details                
'The oligonucleotide was purchased from Oswel DNA service (University of Southampton, UK)' 
# 
loop_
_chem_comp.id 
_chem_comp.type 
_chem_comp.mon_nstd_flag 
_chem_comp.name 
_chem_comp.pdbx_synonyms 
_chem_comp.formula 
_chem_comp.formula_weight 
DA  'DNA linking' y "2'-DEOXYADENOSINE-5'-MONOPHOSPHATE" ? 'C10 H14 N5 O6 P' 331.222 
DC  'DNA linking' y "2'-DEOXYCYTIDINE-5'-MONOPHOSPHATE"  ? 'C9 H14 N3 O7 P'  307.197 
DG  'DNA linking' y "2'-DEOXYGUANOSINE-5'-MONOPHOSPHATE" ? 'C10 H14 N5 O7 P' 347.221 
DT  'DNA linking' y "THYMIDINE-5'-MONOPHOSPHATE"         ? 'C10 H15 N2 O8 P' 322.208 
HOH non-polymer   . WATER                                ? 'H2 O'            18.015  
NT  non-polymer   . NETROPSIN                            ? 'C18 H26 N10 O3'  430.464 
# 
loop_
_pdbx_poly_seq_scheme.asym_id 
_pdbx_poly_seq_scheme.entity_id 
_pdbx_poly_seq_scheme.seq_id 
_pdbx_poly_seq_scheme.mon_id 
_pdbx_poly_seq_scheme.ndb_seq_num 
_pdbx_poly_seq_scheme.pdb_seq_num 
_pdbx_poly_seq_scheme.auth_seq_num 
_pdbx_poly_seq_scheme.pdb_mon_id 
_pdbx_poly_seq_scheme.auth_mon_id 
_pdbx_poly_seq_scheme.pdb_strand_id 
_pdbx_poly_seq_scheme.pdb_ins_code 
_pdbx_poly_seq_scheme.hetero 
A 1 1  DG 1  1  1  DG G A . n 
A 1 2  DG 2  2  2  DG G A . n 
A 1 3  DC 3  3  3  DC C A . n 
A 1 4  DC 4  4  4  DC C A . n 
A 1 5  DA 5  5  5  DA A A . n 
A 1 6  DA 6  6  6  DA A A . n 
A 1 7  DT 7  7  7  DT T A . n 
A 1 8  DT 8  8  8  DT T A . n 
A 1 9  DG 9  9  9  DG G A . n 
A 1 10 DG 10 10 10 DG G A . n 
B 1 1  DG 1  21 21 DG G B . n 
B 1 2  DG 2  22 22 DG G B . n 
B 1 3  DC 3  23 23 DC C B . n 
B 1 4  DC 4  24 24 DC C B . n 
B 1 5  DA 5  25 25 DA A B . n 
B 1 6  DA 6  26 26 DA A B . n 
B 1 7  DT 7  27 27 DT T B . n 
B 1 8  DT 8  28 28 DT T B . n 
B 1 9  DG 9  29 29 DG G B . n 
B 1 10 DG 10 30 30 DG G B . n 
# 
loop_
_pdbx_nonpoly_scheme.asym_id 
_pdbx_nonpoly_scheme.entity_id 
_pdbx_nonpoly_scheme.mon_id 
_pdbx_nonpoly_scheme.ndb_seq_num 
_pdbx_nonpoly_scheme.pdb_seq_num 
_pdbx_nonpoly_scheme.auth_seq_num 
_pdbx_nonpoly_scheme.pdb_mon_id 
_pdbx_nonpoly_scheme.auth_mon_id 
_pdbx_nonpoly_scheme.pdb_strand_id 
_pdbx_nonpoly_scheme.pdb_ins_code 
C 2 NT  1  31  31  NT  NT  B . 
D 3 HOH 1  102 102 HOH HOH A . 
D 3 HOH 2  104 104 HOH HOH A . 
D 3 HOH 3  105 105 HOH HOH A . 
D 3 HOH 4  106 106 HOH HOH A . 
D 3 HOH 5  108 108 HOH HOH A . 
D 3 HOH 6  112 112 HOH HOH A . 
D 3 HOH 7  113 113 HOH HOH A . 
D 3 HOH 8  115 115 HOH HOH A . 
D 3 HOH 9  116 116 HOH HOH A . 
D 3 HOH 10 118 118 HOH HOH A . 
D 3 HOH 11 120 120 HOH HOH A . 
D 3 HOH 12 123 123 HOH HOH A . 
D 3 HOH 13 124 124 HOH HOH A . 
D 3 HOH 14 125 125 HOH HOH A . 
D 3 HOH 15 127 127 HOH HOH A . 
D 3 HOH 16 130 130 HOH HOH A . 
D 3 HOH 17 131 131 HOH HOH A . 
D 3 HOH 18 133 133 HOH HOH A . 
D 3 HOH 19 137 137 HOH HOH A . 
D 3 HOH 20 144 144 HOH HOH A . 
D 3 HOH 21 145 145 HOH HOH A . 
D 3 HOH 22 147 147 HOH HOH A . 
D 3 HOH 23 151 151 HOH HOH A . 
D 3 HOH 24 152 152 HOH HOH A . 
D 3 HOH 25 154 154 HOH HOH A . 
D 3 HOH 26 159 159 HOH HOH A . 
D 3 HOH 27 161 161 HOH HOH A . 
D 3 HOH 28 162 162 HOH HOH A . 
D 3 HOH 29 163 163 HOH HOH A . 
D 3 HOH 30 165 165 HOH HOH A . 
D 3 HOH 31 167 167 HOH HOH A . 
D 3 HOH 32 168 168 HOH HOH A . 
E 3 HOH 1  101 101 HOH HOH B . 
E 3 HOH 2  103 103 HOH HOH B . 
E 3 HOH 3  107 107 HOH HOH B . 
E 3 HOH 4  109 109 HOH HOH B . 
E 3 HOH 5  110 110 HOH HOH B . 
E 3 HOH 6  111 111 HOH HOH B . 
E 3 HOH 7  114 114 HOH HOH B . 
E 3 HOH 8  117 117 HOH HOH B . 
E 3 HOH 9  119 119 HOH HOH B . 
E 3 HOH 10 121 121 HOH HOH B . 
E 3 HOH 11 122 122 HOH HOH B . 
E 3 HOH 12 126 126 HOH HOH B . 
E 3 HOH 13 128 128 HOH HOH B . 
E 3 HOH 14 129 129 HOH HOH B . 
E 3 HOH 15 132 132 HOH HOH B . 
E 3 HOH 16 134 134 HOH HOH B . 
E 3 HOH 17 135 135 HOH HOH B . 
E 3 HOH 18 136 136 HOH HOH B . 
E 3 HOH 19 138 138 HOH HOH B . 
E 3 HOH 20 139 139 HOH HOH B . 
E 3 HOH 21 140 140 HOH HOH B . 
E 3 HOH 22 141 141 HOH HOH B . 
E 3 HOH 23 142 142 HOH HOH B . 
E 3 HOH 24 143 143 HOH HOH B . 
E 3 HOH 25 146 146 HOH HOH B . 
E 3 HOH 26 148 148 HOH HOH B . 
E 3 HOH 27 149 149 HOH HOH B . 
E 3 HOH 28 150 150 HOH HOH B . 
E 3 HOH 29 153 153 HOH HOH B . 
E 3 HOH 30 155 155 HOH HOH B . 
E 3 HOH 31 156 156 HOH HOH B . 
E 3 HOH 32 157 157 HOH HOH B . 
E 3 HOH 33 158 158 HOH HOH B . 
E 3 HOH 34 160 160 HOH HOH B . 
E 3 HOH 35 164 164 HOH HOH B . 
E 3 HOH 36 166 166 HOH HOH B . 
# 
loop_
_software.name 
_software.classification 
_software.version 
_software.citation_id 
_software.pdbx_ordinal 
DENZO     'data reduction' .      ? 1 
SCALEPACK 'data scaling'   .      ? 2 
REFMAC    refinement       5.1.24 ? 3 
# 
_cell.entry_id           1Z8V 
_cell.length_a           26.025 
_cell.length_b           38.559 
_cell.length_c           53.203 
_cell.angle_alpha        90.00 
_cell.angle_beta         90.00 
_cell.angle_gamma        90.00 
_cell.Z_PDB              8 
_cell.pdbx_unique_axis   ? 
# 
_symmetry.entry_id                         1Z8V 
_symmetry.space_group_name_H-M             'P 21 21 21' 
_symmetry.pdbx_full_space_group_name_H-M   ? 
_symmetry.cell_setting                     ? 
_symmetry.Int_Tables_number                19 
_symmetry.space_group_name_Hall            ? 
# 
_exptl.entry_id          1Z8V 
_exptl.method            'X-RAY DIFFRACTION' 
_exptl.crystals_number   1 
# 
_exptl_crystal.id                    1 
_exptl_crystal.density_meas          ? 
_exptl_crystal.density_Matthews      2.16 
_exptl_crystal.density_percent_sol   43.14 
_exptl_crystal.description           ? 
_exptl_crystal.F_000                 ? 
_exptl_crystal.preparation           ? 
# 
_exptl_crystal_grow.crystal_id      1 
_exptl_crystal_grow.method          'VAPOR DIFFUSION, SITTING DROP' 
_exptl_crystal_grow.temp            290 
_exptl_crystal_grow.temp_details    ? 
_exptl_crystal_grow.pH              6.0 
_exptl_crystal_grow.pdbx_details    
'potassium cacodylate, MPD, magnesium chloride, spermine, pH 6.0, VAPOR DIFFUSION, SITTING DROP, temperature 290K' 
_exptl_crystal_grow.pdbx_pH_range   . 
# 
loop_
_exptl_crystal_grow_comp.crystal_id 
_exptl_crystal_grow_comp.id 
_exptl_crystal_grow_comp.sol_id 
_exptl_crystal_grow_comp.name 
_exptl_crystal_grow_comp.volume 
_exptl_crystal_grow_comp.conc 
_exptl_crystal_grow_comp.details 
1 1 1 'potassium cacodylate' ? ? ? 
1 2 1 MPD                    ? ? ? 
1 3 1 'magnesium chloride'   ? ? ? 
1 4 1 spermine               ? ? ? 
1 5 2 MPD                    ? ? ? 
1 6 2 'magnesium chloride'   ? ? ? 
# 
_diffrn.id                     1 
_diffrn.ambient_temp           100 
_diffrn.ambient_temp_details   ? 
_diffrn.crystal_id             1 
# 
_diffrn_detector.diffrn_id              1 
_diffrn_detector.detector               'IMAGE PLATE' 
_diffrn_detector.type                   MARRESEARCH 
_diffrn_detector.pdbx_collection_date   2003-01-21 
_diffrn_detector.details                ? 
# 
_diffrn_radiation.diffrn_id                        1 
_diffrn_radiation.wavelength_id                    1 
_diffrn_radiation.pdbx_monochromatic_or_laue_m_l   M 
_diffrn_radiation.monochromator                    ? 
_diffrn_radiation.pdbx_diffrn_protocol             'SINGLE WAVELENGTH' 
_diffrn_radiation.pdbx_scattering_type             x-ray 
# 
_diffrn_radiation_wavelength.id           1 
_diffrn_radiation_wavelength.wavelength   0.8457 
_diffrn_radiation_wavelength.wt           1.0 
# 
_diffrn_source.diffrn_id                   1 
_diffrn_source.source                      SYNCHROTRON 
_diffrn_source.type                        'EMBL/DESY, HAMBURG BEAMLINE BW7B' 
_diffrn_source.pdbx_synchrotron_site       'EMBL/DESY, HAMBURG' 
_diffrn_source.pdbx_synchrotron_beamline   BW7B 
_diffrn_source.pdbx_wavelength             ? 
_diffrn_source.pdbx_wavelength_list        0.8457 
# 
_reflns.entry_id                     1Z8V 
_reflns.observed_criterion_sigma_F   ? 
_reflns.observed_criterion_sigma_I   ? 
_reflns.d_resolution_high            1.75 
_reflns.d_resolution_low             20 
_reflns.number_all                   ? 
_reflns.number_obs                   5724 
_reflns.percent_possible_obs         98.1 
_reflns.pdbx_Rmerge_I_obs            ? 
_reflns.pdbx_Rsym_value              0.04 
_reflns.pdbx_netI_over_sigmaI        20.1 
_reflns.B_iso_Wilson_estimate        24.74 
_reflns.pdbx_redundancy              10.7 
_reflns.R_free_details               ? 
_reflns.pdbx_chi_squared             ? 
_reflns.pdbx_scaling_rejects         ? 
_reflns.pdbx_diffrn_id               1 
_reflns.pdbx_ordinal                 1 
# 
_reflns_shell.d_res_high             1.75 
_reflns_shell.d_res_low              1.81 
_reflns_shell.percent_possible_all   96.2 
_reflns_shell.Rmerge_I_obs           ? 
_reflns_shell.pdbx_Rsym_value        0.199 
_reflns_shell.meanI_over_sigI_obs    ? 
_reflns_shell.pdbx_redundancy        ? 
_reflns_shell.percent_possible_obs   ? 
_reflns_shell.number_unique_all      538 
_reflns_shell.number_measured_all    ? 
_reflns_shell.number_measured_obs    ? 
_reflns_shell.number_unique_obs      ? 
_reflns_shell.pdbx_chi_squared       ? 
_reflns_shell.pdbx_diffrn_id         ? 
_reflns_shell.pdbx_ordinal           1 
# 
_refine.entry_id                                 1Z8V 
_refine.ls_d_res_high                            1.75 
_refine.ls_d_res_low                             9.6 
_refine.pdbx_ls_sigma_F                          ? 
_refine.pdbx_ls_sigma_I                          ? 
_refine.ls_number_reflns_all                     ? 
_refine.ls_number_reflns_obs                     5379 
_refine.ls_number_reflns_R_free                  ? 
_refine.ls_percent_reflns_obs                    ? 
_refine.ls_R_factor_all                          0.2 
_refine.ls_R_factor_obs                          ? 
_refine.ls_R_factor_R_work                       0.1997 
_refine.ls_R_factor_R_free                       ? 
_refine.ls_redundancy_reflns_obs                 ? 
_refine.pdbx_data_cutoff_high_absF               ? 
_refine.pdbx_data_cutoff_low_absF                ? 
_refine.ls_number_parameters                     ? 
_refine.ls_number_restraints                     ? 
_refine.ls_percent_reflns_R_free                 ? 
_refine.ls_R_factor_R_free_error                 ? 
_refine.ls_R_factor_R_free_error_details         ? 
_refine.pdbx_method_to_determine_struct          'MOLECULAR REPLACEMENT' 
_refine.pdbx_starting_model                      'NDB ENTRY DD0002' 
_refine.pdbx_ls_cross_valid_method               ? 
_refine.pdbx_R_Free_selection_details            ? 
_refine.pdbx_stereochem_target_val_spec_case     ? 
_refine.pdbx_stereochemistry_target_values       ? 
_refine.solvent_model_details                    ? 
_refine.solvent_model_param_bsol                 ? 
_refine.solvent_model_param_ksol                 ? 
_refine.occupancy_max                            ? 
_refine.occupancy_min                            ? 
_refine.pdbx_isotropic_thermal_model             isotropic 
_refine.B_iso_mean                               35.7 
_refine.aniso_B[1][1]                            ? 
_refine.aniso_B[1][2]                            ? 
_refine.aniso_B[1][3]                            ? 
_refine.aniso_B[2][2]                            ? 
_refine.aniso_B[2][3]                            ? 
_refine.aniso_B[3][3]                            ? 
_refine.details                                  ? 
_refine.correlation_coeff_Fo_to_Fc               ? 
_refine.correlation_coeff_Fo_to_Fc_free          ? 
_refine.pdbx_solvent_vdw_probe_radii             ? 
_refine.pdbx_solvent_ion_probe_radii             ? 
_refine.pdbx_solvent_shrinkage_radii             ? 
_refine.overall_SU_R_Cruickshank_DPI             ? 
_refine.overall_SU_R_free                        ? 
_refine.overall_SU_ML                            ? 
_refine.overall_SU_B                             ? 
_refine.pdbx_overall_ESU_R_Free                  ? 
_refine.pdbx_data_cutoff_high_rms_absF           ? 
_refine.pdbx_overall_ESU_R                       ? 
_refine.ls_wR_factor_R_free                      ? 
_refine.ls_wR_factor_R_work                      ? 
_refine.overall_FOM_free_R_set                   ? 
_refine.overall_FOM_work_R_set                   ? 
_refine.pdbx_refine_id                           'X-RAY DIFFRACTION' 
_refine.pdbx_diffrn_id                           1 
_refine.pdbx_TLS_residual_ADP_flag               ? 
_refine.pdbx_overall_phase_error                 ? 
_refine.pdbx_overall_SU_R_free_Cruickshank_DPI   ? 
_refine.pdbx_overall_SU_R_Blow_DPI               ? 
_refine.pdbx_overall_SU_R_free_Blow_DPI          ? 
# 
_refine_hist.pdbx_refine_id                   'X-RAY DIFFRACTION' 
_refine_hist.cycle_id                         LAST 
_refine_hist.pdbx_number_atoms_protein        0 
_refine_hist.pdbx_number_atoms_nucleic_acid   410 
_refine_hist.pdbx_number_atoms_ligand         31 
_refine_hist.number_atoms_solvent             68 
_refine_hist.number_atoms_total               509 
_refine_hist.d_res_high                       1.75 
_refine_hist.d_res_low                        9.6 
# 
_struct.entry_id                  1Z8V 
_struct.title                     'The Structure of d(GGCCAATTGG) Complexed with Netropsin' 
_struct.pdbx_model_details        ? 
_struct.pdbx_CASP_flag            ? 
_struct.pdbx_model_type_details   ? 
# 
_struct_keywords.entry_id        1Z8V 
_struct_keywords.pdbx_keywords   DNA 
_struct_keywords.text            'B-DNA DOUBLE HELIX, BASE TRIPLETS, MINOR GROOVE BINDER, DRUG, NETROPSIN, DNA' 
# 
loop_
_struct_asym.id 
_struct_asym.pdbx_blank_PDB_chainid_flag 
_struct_asym.pdbx_modified 
_struct_asym.entity_id 
_struct_asym.details 
A N N 1 ? 
B N N 1 ? 
C N N 2 ? 
D N N 3 ? 
E N N 3 ? 
# 
_struct_ref.id                         1 
_struct_ref.entity_id                  1 
_struct_ref.db_name                    PDB 
_struct_ref.db_code                    1Z8V 
_struct_ref.pdbx_db_accession          1Z8V 
_struct_ref.pdbx_db_isoform            ? 
_struct_ref.pdbx_seq_one_letter_code   ? 
_struct_ref.pdbx_align_begin           ? 
# 
loop_
_struct_ref_seq.align_id 
_struct_ref_seq.ref_id 
_struct_ref_seq.pdbx_PDB_id_code 
_struct_ref_seq.pdbx_strand_id 
_struct_ref_seq.seq_align_beg 
_struct_ref_seq.pdbx_seq_align_beg_ins_code 
_struct_ref_seq.seq_align_end 
_struct_ref_seq.pdbx_seq_align_end_ins_code 
_struct_ref_seq.pdbx_db_accession 
_struct_ref_seq.db_align_beg 
_struct_ref_seq.pdbx_db_align_beg_ins_code 
_struct_ref_seq.db_align_end 
_struct_ref_seq.pdbx_db_align_end_ins_code 
_struct_ref_seq.pdbx_auth_seq_align_beg 
_struct_ref_seq.pdbx_auth_seq_align_end 
1 1 1Z8V A 1 ? 10 ? 1Z8V 1  ? 10 ? 1  10 
2 1 1Z8V B 1 ? 10 ? 1Z8V 21 ? 30 ? 21 30 
# 
_pdbx_struct_assembly.id                   1 
_pdbx_struct_assembly.details              author_defined_assembly 
_pdbx_struct_assembly.method_details       ? 
_pdbx_struct_assembly.oligomeric_details   dimeric 
_pdbx_struct_assembly.oligomeric_count     2 
# 
_pdbx_struct_assembly_gen.assembly_id       1 
_pdbx_struct_assembly_gen.oper_expression   1 
_pdbx_struct_assembly_gen.asym_id_list      A,B,C,D,E 
# 
_pdbx_struct_oper_list.id                   1 
_pdbx_struct_oper_list.type                 'identity operation' 
_pdbx_struct_oper_list.name                 1_555 
_pdbx_struct_oper_list.symmetry_operation   x,y,z 
_pdbx_struct_oper_list.matrix[1][1]         1.0000000000 
_pdbx_struct_oper_list.matrix[1][2]         0.0000000000 
_pdbx_struct_oper_list.matrix[1][3]         0.0000000000 
_pdbx_struct_oper_list.vector[1]            0.0000000000 
_pdbx_struct_oper_list.matrix[2][1]         0.0000000000 
_pdbx_struct_oper_list.matrix[2][2]         1.0000000000 
_pdbx_struct_oper_list.matrix[2][3]         0.0000000000 
_pdbx_struct_oper_list.vector[2]            0.0000000000 
_pdbx_struct_oper_list.matrix[3][1]         0.0000000000 
_pdbx_struct_oper_list.matrix[3][2]         0.0000000000 
_pdbx_struct_oper_list.matrix[3][3]         1.0000000000 
_pdbx_struct_oper_list.vector[3]            0.0000000000 
# 
loop_
_struct_conn.id 
_struct_conn.conn_type_id 
_struct_conn.pdbx_leaving_atom_flag 
_struct_conn.pdbx_PDB_id 
_struct_conn.ptnr1_label_asym_id 
_struct_conn.ptnr1_label_comp_id 
_struct_conn.ptnr1_label_seq_id 
_struct_conn.ptnr1_label_atom_id 
_struct_conn.pdbx_ptnr1_label_alt_id 
_struct_conn.pdbx_ptnr1_PDB_ins_code 
_struct_conn.pdbx_ptnr1_standard_comp_id 
_struct_conn.ptnr1_symmetry 
_struct_conn.ptnr2_label_asym_id 
_struct_conn.ptnr2_label_comp_id 
_struct_conn.ptnr2_label_seq_id 
_struct_conn.ptnr2_label_atom_id 
_struct_conn.pdbx_ptnr2_label_alt_id 
_struct_conn.pdbx_ptnr2_PDB_ins_code 
_struct_conn.ptnr1_auth_asym_id 
_struct_conn.ptnr1_auth_comp_id 
_struct_conn.ptnr1_auth_seq_id 
_struct_conn.ptnr2_auth_asym_id 
_struct_conn.ptnr2_auth_comp_id 
_struct_conn.ptnr2_auth_seq_id 
_struct_conn.ptnr2_symmetry 
_struct_conn.pdbx_ptnr3_label_atom_id 
_struct_conn.pdbx_ptnr3_label_seq_id 
_struct_conn.pdbx_ptnr3_label_comp_id 
_struct_conn.pdbx_ptnr3_label_asym_id 
_struct_conn.pdbx_ptnr3_label_alt_id 
_struct_conn.pdbx_ptnr3_PDB_ins_code 
_struct_conn.details 
_struct_conn.pdbx_dist_value 
_struct_conn.pdbx_value_order 
_struct_conn.pdbx_role 
hydrog1  hydrog ? ? A DC 3  N3 ? ? ? 1_555 B DG 10 N1 ? ? A DC 3  B DG 30 1_555 ? ? ? ? ? ? WATSON-CRICK ? ? ? 
hydrog2  hydrog ? ? A DC 3  N4 ? ? ? 1_555 B DG 10 O6 ? ? A DC 3  B DG 30 1_555 ? ? ? ? ? ? WATSON-CRICK ? ? ? 
hydrog3  hydrog ? ? A DC 3  O2 ? ? ? 1_555 B DG 10 N2 ? ? A DC 3  B DG 30 1_555 ? ? ? ? ? ? WATSON-CRICK ? ? ? 
hydrog4  hydrog ? ? A DC 4  N3 ? ? ? 1_555 B DG 9  N1 ? ? A DC 4  B DG 29 1_555 ? ? ? ? ? ? WATSON-CRICK ? ? ? 
hydrog5  hydrog ? ? A DC 4  N4 ? ? ? 1_555 B DG 9  O6 ? ? A DC 4  B DG 29 1_555 ? ? ? ? ? ? WATSON-CRICK ? ? ? 
hydrog6  hydrog ? ? A DC 4  O2 ? ? ? 1_555 B DG 9  N2 ? ? A DC 4  B DG 29 1_555 ? ? ? ? ? ? WATSON-CRICK ? ? ? 
hydrog7  hydrog ? ? A DA 5  N1 ? ? ? 1_555 B DT 8  N3 ? ? A DA 5  B DT 28 1_555 ? ? ? ? ? ? WATSON-CRICK ? ? ? 
hydrog8  hydrog ? ? A DA 5  N6 ? ? ? 1_555 B DT 8  O4 ? ? A DA 5  B DT 28 1_555 ? ? ? ? ? ? WATSON-CRICK ? ? ? 
hydrog9  hydrog ? ? A DA 6  N1 ? ? ? 1_555 B DT 7  N3 ? ? A DA 6  B DT 27 1_555 ? ? ? ? ? ? WATSON-CRICK ? ? ? 
hydrog10 hydrog ? ? A DA 6  N6 ? ? ? 1_555 B DT 7  O4 ? ? A DA 6  B DT 27 1_555 ? ? ? ? ? ? WATSON-CRICK ? ? ? 
hydrog11 hydrog ? ? A DT 7  N3 ? ? ? 1_555 B DA 6  N1 ? ? A DT 7  B DA 26 1_555 ? ? ? ? ? ? WATSON-CRICK ? ? ? 
hydrog12 hydrog ? ? A DT 7  O4 ? ? ? 1_555 B DA 6  N6 ? ? A DT 7  B DA 26 1_555 ? ? ? ? ? ? WATSON-CRICK ? ? ? 
hydrog13 hydrog ? ? A DT 8  N3 ? ? ? 1_555 B DA 5  N1 ? ? A DT 8  B DA 25 1_555 ? ? ? ? ? ? WATSON-CRICK ? ? ? 
hydrog14 hydrog ? ? A DT 8  O4 ? ? ? 1_555 B DA 5  N6 ? ? A DT 8  B DA 25 1_555 ? ? ? ? ? ? WATSON-CRICK ? ? ? 
hydrog15 hydrog ? ? A DG 9  N1 ? ? ? 1_555 B DC 4  N3 ? ? A DG 9  B DC 24 1_555 ? ? ? ? ? ? WATSON-CRICK ? ? ? 
hydrog16 hydrog ? ? A DG 9  N2 ? ? ? 1_555 B DC 4  O2 ? ? A DG 9  B DC 24 1_555 ? ? ? ? ? ? WATSON-CRICK ? ? ? 
hydrog17 hydrog ? ? A DG 9  O6 ? ? ? 1_555 B DC 4  N4 ? ? A DG 9  B DC 24 1_555 ? ? ? ? ? ? WATSON-CRICK ? ? ? 
hydrog18 hydrog ? ? A DG 10 N1 ? ? ? 1_555 B DC 3  N3 ? ? A DG 10 B DC 23 1_555 ? ? ? ? ? ? WATSON-CRICK ? ? ? 
hydrog19 hydrog ? ? A DG 10 N2 ? ? ? 1_555 B DC 3  O2 ? ? A DG 10 B DC 23 1_555 ? ? ? ? ? ? WATSON-CRICK ? ? ? 
hydrog20 hydrog ? ? A DG 10 O6 ? ? ? 1_555 B DC 3  N4 ? ? A DG 10 B DC 23 1_555 ? ? ? ? ? ? WATSON-CRICK ? ? ? 
# 
_struct_conn_type.id          hydrog 
_struct_conn_type.criteria    ? 
_struct_conn_type.reference   ? 
# 
loop_
_struct_site.id 
_struct_site.pdbx_evidence_code 
_struct_site.pdbx_auth_asym_id 
_struct_site.pdbx_auth_comp_id 
_struct_site.pdbx_auth_seq_id 
_struct_site.pdbx_auth_ins_code 
_struct_site.pdbx_num_residues 
_struct_site.details 
AC1 Software B NT 31 ? 15 'BINDING SITE FOR RESIDUE NT B 31' 
1   ?        ? ?  ?  ? ?  ?                                  
# 
loop_
_struct_site_gen.id 
_struct_site_gen.site_id 
_struct_site_gen.pdbx_num_res 
_struct_site_gen.label_comp_id 
_struct_site_gen.label_asym_id 
_struct_site_gen.label_seq_id 
_struct_site_gen.pdbx_auth_ins_code 
_struct_site_gen.auth_comp_id 
_struct_site_gen.auth_asym_id 
_struct_site_gen.auth_seq_id 
_struct_site_gen.label_atom_id 
_struct_site_gen.label_alt_id 
_struct_site_gen.symmetry 
_struct_site_gen.details 
1  AC1 15 DA  A 5  ? DA  A 5   . ? 1_555 ? 
2  AC1 15 DA  A 6  ? DA  A 6   . ? 1_555 ? 
3  AC1 15 DT  A 7  ? DT  A 7   . ? 1_555 ? 
4  AC1 15 DT  A 8  ? DT  A 8   . ? 1_555 ? 
5  AC1 15 DG  A 9  ? DG  A 9   . ? 1_555 ? 
6  AC1 15 DA  B 5  ? DA  B 25  . ? 1_555 ? 
7  AC1 15 DA  B 6  ? DA  B 26  . ? 1_555 ? 
8  AC1 15 DT  B 7  ? DT  B 27  . ? 1_555 ? 
9  AC1 15 DT  B 8  ? DT  B 28  . ? 1_555 ? 
10 AC1 15 DG  B 9  ? DG  B 29  . ? 1_555 ? 
11 AC1 15 DG  B 10 ? DG  B 30  . ? 1_555 ? 
12 AC1 15 HOH E .  ? HOH B 117 . ? 1_555 ? 
13 AC1 15 HOH E .  ? HOH B 140 . ? 1_555 ? 
14 AC1 15 HOH E .  ? HOH B 157 . ? 1_555 ? 
15 AC1 15 HOH E .  ? HOH B 160 . ? 1_555 ? 
# 
_pdbx_validate_symm_contact.id                1 
_pdbx_validate_symm_contact.PDB_model_num     1 
_pdbx_validate_symm_contact.auth_atom_id_1    O 
_pdbx_validate_symm_contact.auth_asym_id_1    A 
_pdbx_validate_symm_contact.auth_comp_id_1    HOH 
_pdbx_validate_symm_contact.auth_seq_id_1     112 
_pdbx_validate_symm_contact.PDB_ins_code_1    ? 
_pdbx_validate_symm_contact.label_alt_id_1    ? 
_pdbx_validate_symm_contact.site_symmetry_1   1_555 
_pdbx_validate_symm_contact.auth_atom_id_2    O 
_pdbx_validate_symm_contact.auth_asym_id_2    A 
_pdbx_validate_symm_contact.auth_comp_id_2    HOH 
_pdbx_validate_symm_contact.auth_seq_id_2     167 
_pdbx_validate_symm_contact.PDB_ins_code_2    ? 
_pdbx_validate_symm_contact.label_alt_id_2    ? 
_pdbx_validate_symm_contact.site_symmetry_2   3_655 
_pdbx_validate_symm_contact.dist              2.15 
# 
loop_
_pdbx_validate_rmsd_bond.id 
_pdbx_validate_rmsd_bond.PDB_model_num 
_pdbx_validate_rmsd_bond.auth_atom_id_1 
_pdbx_validate_rmsd_bond.auth_asym_id_1 
_pdbx_validate_rmsd_bond.auth_comp_id_1 
_pdbx_validate_rmsd_bond.auth_seq_id_1 
_pdbx_validate_rmsd_bond.PDB_ins_code_1 
_pdbx_validate_rmsd_bond.label_alt_id_1 
_pdbx_validate_rmsd_bond.auth_atom_id_2 
_pdbx_validate_rmsd_bond.auth_asym_id_2 
_pdbx_validate_rmsd_bond.auth_comp_id_2 
_pdbx_validate_rmsd_bond.auth_seq_id_2 
_pdbx_validate_rmsd_bond.PDB_ins_code_2 
_pdbx_validate_rmsd_bond.label_alt_id_2 
_pdbx_validate_rmsd_bond.bond_value 
_pdbx_validate_rmsd_bond.bond_target_value 
_pdbx_validate_rmsd_bond.bond_deviation 
_pdbx_validate_rmsd_bond.bond_standard_deviation 
_pdbx_validate_rmsd_bond.linker_flag 
1 1 "O3'" A DG 2  ? ? "C3'" A DG 2  ? ? 1.355 1.419 -0.064 0.006 N 
2 1 C5    A DG 2  ? ? N7    A DG 2  ? ? 1.429 1.388 0.041  0.006 N 
3 1 "O3'" A DT 8  ? ? "C3'" A DT 8  ? ? 1.381 1.419 -0.038 0.006 N 
4 1 C5    A DG 10 ? ? N7    A DG 10 ? ? 1.427 1.388 0.039  0.006 N 
5 1 C6    B DA 26 ? ? N1    B DA 26 ? ? 1.297 1.351 -0.054 0.007 N 
6 1 "O3'" B DT 27 ? ? "C3'" B DT 27 ? ? 1.381 1.419 -0.038 0.006 N 
7 1 "O3'" B DT 28 ? ? "C3'" B DT 28 ? ? 1.356 1.419 -0.063 0.006 N 
# 
loop_
_pdbx_validate_rmsd_angle.id 
_pdbx_validate_rmsd_angle.PDB_model_num 
_pdbx_validate_rmsd_angle.auth_atom_id_1 
_pdbx_validate_rmsd_angle.auth_asym_id_1 
_pdbx_validate_rmsd_angle.auth_comp_id_1 
_pdbx_validate_rmsd_angle.auth_seq_id_1 
_pdbx_validate_rmsd_angle.PDB_ins_code_1 
_pdbx_validate_rmsd_angle.label_alt_id_1 
_pdbx_validate_rmsd_angle.auth_atom_id_2 
_pdbx_validate_rmsd_angle.auth_asym_id_2 
_pdbx_validate_rmsd_angle.auth_comp_id_2 
_pdbx_validate_rmsd_angle.auth_seq_id_2 
_pdbx_validate_rmsd_angle.PDB_ins_code_2 
_pdbx_validate_rmsd_angle.label_alt_id_2 
_pdbx_validate_rmsd_angle.auth_atom_id_3 
_pdbx_validate_rmsd_angle.auth_asym_id_3 
_pdbx_validate_rmsd_angle.auth_comp_id_3 
_pdbx_validate_rmsd_angle.auth_seq_id_3 
_pdbx_validate_rmsd_angle.PDB_ins_code_3 
_pdbx_validate_rmsd_angle.label_alt_id_3 
_pdbx_validate_rmsd_angle.angle_value 
_pdbx_validate_rmsd_angle.angle_target_value 
_pdbx_validate_rmsd_angle.angle_deviation 
_pdbx_validate_rmsd_angle.angle_standard_deviation 
_pdbx_validate_rmsd_angle.linker_flag 
1  1 "O4'" A DG 1  ? ? "C1'" A DG 1  ? ? N9    A DG 1  ? ? 101.46 108.00 -6.54 0.70 N 
2  1 C8    A DG 1  ? ? N9    A DG 1  ? ? C4    A DG 1  ? ? 103.22 106.40 -3.18 0.40 N 
3  1 N9    A DG 1  ? ? C4    A DG 1  ? ? C5    A DG 1  ? ? 107.97 105.40 2.57  0.40 N 
4  1 N3    A DG 1  ? ? C4    A DG 1  ? ? N9    A DG 1  ? ? 122.04 126.00 -3.96 0.60 N 
5  1 N1    A DG 1  ? ? C2    A DG 1  ? ? N2    A DG 1  ? ? 123.07 116.20 6.87  0.90 N 
6  1 N3    A DG 1  ? ? C2    A DG 1  ? ? N2    A DG 1  ? ? 113.99 119.90 -5.91 0.70 N 
7  1 C5    A DG 2  ? ? C6    A DG 2  ? ? N1    A DG 2  ? ? 116.13 111.50 4.63  0.50 N 
8  1 C5    A DG 2  ? ? C6    A DG 2  ? ? O6    A DG 2  ? ? 124.80 128.60 -3.80 0.60 N 
9  1 OP1   A DC 3  ? ? P     A DC 3  ? ? OP2   A DC 3  ? ? 129.42 119.60 9.82  1.50 N 
10 1 C2    A DC 3  ? ? N3    A DC 3  ? ? C4    A DC 3  ? ? 123.54 119.90 3.64  0.50 N 
11 1 OP1   A DC 4  ? ? P     A DC 4  ? ? OP2   A DC 4  ? ? 130.84 119.60 11.24 1.50 N 
12 1 "O5'" A DC 4  ? ? "C5'" A DC 4  ? ? "C4'" A DC 4  ? ? 104.20 109.40 -5.20 0.80 N 
13 1 "C3'" A DC 4  ? ? "C2'" A DC 4  ? ? "C1'" A DC 4  ? ? 93.12  102.40 -9.28 0.80 N 
14 1 "O4'" A DC 4  ? ? "C1'" A DC 4  ? ? N1    A DC 4  ? ? 114.16 108.30 5.86  0.30 N 
15 1 C6    A DC 4  ? ? N1    A DC 4  ? ? C2    A DC 4  ? ? 123.16 120.30 2.86  0.40 N 
16 1 N3    A DC 4  ? ? C4    A DC 4  ? ? C5    A DC 4  ? ? 125.07 121.90 3.17  0.40 N 
17 1 N1    A DA 5  ? ? C6    A DA 5  ? ? N6    A DA 5  ? ? 122.39 118.60 3.79  0.60 N 
18 1 C5    A DA 6  ? ? N7    A DA 6  ? ? C8    A DA 6  ? ? 100.31 103.90 -3.59 0.50 N 
19 1 OP1   A DT 7  ? ? P     A DT 7  ? ? OP2   A DT 7  ? ? 129.96 119.60 10.36 1.50 N 
20 1 "O4'" A DT 7  ? ? "C1'" A DT 7  ? ? N1    A DT 7  ? ? 102.41 108.00 -5.59 0.70 N 
21 1 C6    A DT 7  ? ? N1    A DT 7  ? ? C2    A DT 7  ? ? 118.26 121.30 -3.04 0.50 N 
22 1 N3    A DT 7  ? ? C4    A DT 7  ? ? O4    A DT 7  ? ? 125.85 119.90 5.95  0.60 N 
23 1 C5    A DT 7  ? ? C4    A DT 7  ? ? O4    A DT 7  ? ? 119.62 124.90 -5.28 0.70 N 
24 1 "O4'" A DG 9  ? ? "C1'" A DG 9  ? ? N9    A DG 9  ? ? 102.36 108.00 -5.64 0.70 N 
25 1 C4    A DG 9  ? ? C5    A DG 9  ? ? N7    A DG 9  ? ? 113.34 110.80 2.54  0.40 N 
26 1 C5    A DG 9  ? ? C6    A DG 9  ? ? O6    A DG 9  ? ? 124.88 128.60 -3.72 0.60 N 
27 1 "O4'" B DG 21 ? ? "C1'" B DG 21 ? ? N9    B DG 21 ? ? 103.14 108.00 -4.86 0.70 N 
28 1 C4    B DG 21 ? ? C5    B DG 21 ? ? N7    B DG 21 ? ? 113.76 110.80 2.96  0.40 N 
29 1 N1    B DG 21 ? ? C6    B DG 21 ? ? O6    B DG 21 ? ? 123.93 119.90 4.03  0.60 N 
30 1 C5    B DG 21 ? ? C6    B DG 21 ? ? O6    B DG 21 ? ? 123.63 128.60 -4.97 0.60 N 
31 1 "C3'" B DC 23 ? ? "O3'" B DC 23 ? ? P     B DC 24 ? ? 111.88 119.70 -7.82 1.20 Y 
32 1 "O5'" B DC 24 ? ? "C5'" B DC 24 ? ? "C4'" B DC 24 ? ? 103.20 109.40 -6.20 0.80 N 
33 1 "O4'" B DC 24 ? ? "C4'" B DC 24 ? ? "C3'" B DC 24 ? ? 102.10 104.50 -2.40 0.40 N 
34 1 "O4'" B DC 24 ? ? "C1'" B DC 24 ? ? N1    B DC 24 ? ? 102.58 108.00 -5.42 0.70 N 
35 1 C2    B DC 24 ? ? N3    B DC 24 ? ? C4    B DC 24 ? ? 126.49 119.90 6.59  0.50 N 
36 1 N3    B DC 24 ? ? C4    B DC 24 ? ? C5    B DC 24 ? ? 118.27 121.90 -3.63 0.40 N 
37 1 N1    B DC 24 ? ? C2    B DC 24 ? ? O2    B DC 24 ? ? 123.86 118.90 4.96  0.60 N 
38 1 "O4'" B DA 25 ? ? "C1'" B DA 25 ? ? N9    B DA 25 ? ? 112.36 108.30 4.06  0.30 N 
39 1 "O4'" B DA 26 ? ? "C1'" B DA 26 ? ? N9    B DA 26 ? ? 103.39 108.00 -4.61 0.70 N 
40 1 C5    B DA 26 ? ? C6    B DA 26 ? ? N1    B DA 26 ? ? 114.70 117.70 -3.00 0.50 N 
41 1 "O5'" B DG 29 ? ? P     B DG 29 ? ? OP1   B DG 29 ? ? 100.13 105.70 -5.57 0.90 N 
42 1 "O4'" B DG 29 ? ? "C1'" B DG 29 ? ? N9    B DG 29 ? ? 103.16 108.00 -4.84 0.70 N 
43 1 N3    B DG 29 ? ? C2    B DG 29 ? ? N2    B DG 29 ? ? 115.16 119.90 -4.74 0.70 N 
44 1 N1    B DG 30 ? ? C6    B DG 30 ? ? O6    B DG 30 ? ? 123.92 119.90 4.02  0.60 N 
45 1 C5    B DG 30 ? ? C6    B DG 30 ? ? O6    B DG 30 ? ? 123.05 128.60 -5.55 0.60 N 
# 
_struct_site_keywords.site_id   1 
_struct_site_keywords.text      'MINOR GROOVE BINDER' 
# 
loop_
_chem_comp_atom.comp_id 
_chem_comp_atom.atom_id 
_chem_comp_atom.type_symbol 
_chem_comp_atom.pdbx_aromatic_flag 
_chem_comp_atom.pdbx_stereo_config 
_chem_comp_atom.pdbx_ordinal 
DA  OP3    O N N 1   
DA  P      P N N 2   
DA  OP1    O N N 3   
DA  OP2    O N N 4   
DA  "O5'"  O N N 5   
DA  "C5'"  C N N 6   
DA  "C4'"  C N R 7   
DA  "O4'"  O N N 8   
DA  "C3'"  C N S 9   
DA  "O3'"  O N N 10  
DA  "C2'"  C N N 11  
DA  "C1'"  C N R 12  
DA  N9     N Y N 13  
DA  C8     C Y N 14  
DA  N7     N Y N 15  
DA  C5     C Y N 16  
DA  C6     C Y N 17  
DA  N6     N N N 18  
DA  N1     N Y N 19  
DA  C2     C Y N 20  
DA  N3     N Y N 21  
DA  C4     C Y N 22  
DA  HOP3   H N N 23  
DA  HOP2   H N N 24  
DA  "H5'"  H N N 25  
DA  "H5''" H N N 26  
DA  "H4'"  H N N 27  
DA  "H3'"  H N N 28  
DA  "HO3'" H N N 29  
DA  "H2'"  H N N 30  
DA  "H2''" H N N 31  
DA  "H1'"  H N N 32  
DA  H8     H N N 33  
DA  H61    H N N 34  
DA  H62    H N N 35  
DA  H2     H N N 36  
DC  OP3    O N N 37  
DC  P      P N N 38  
DC  OP1    O N N 39  
DC  OP2    O N N 40  
DC  "O5'"  O N N 41  
DC  "C5'"  C N N 42  
DC  "C4'"  C N R 43  
DC  "O4'"  O N N 44  
DC  "C3'"  C N S 45  
DC  "O3'"  O N N 46  
DC  "C2'"  C N N 47  
DC  "C1'"  C N R 48  
DC  N1     N N N 49  
DC  C2     C N N 50  
DC  O2     O N N 51  
DC  N3     N N N 52  
DC  C4     C N N 53  
DC  N4     N N N 54  
DC  C5     C N N 55  
DC  C6     C N N 56  
DC  HOP3   H N N 57  
DC  HOP2   H N N 58  
DC  "H5'"  H N N 59  
DC  "H5''" H N N 60  
DC  "H4'"  H N N 61  
DC  "H3'"  H N N 62  
DC  "HO3'" H N N 63  
DC  "H2'"  H N N 64  
DC  "H2''" H N N 65  
DC  "H1'"  H N N 66  
DC  H41    H N N 67  
DC  H42    H N N 68  
DC  H5     H N N 69  
DC  H6     H N N 70  
DG  OP3    O N N 71  
DG  P      P N N 72  
DG  OP1    O N N 73  
DG  OP2    O N N 74  
DG  "O5'"  O N N 75  
DG  "C5'"  C N N 76  
DG  "C4'"  C N R 77  
DG  "O4'"  O N N 78  
DG  "C3'"  C N S 79  
DG  "O3'"  O N N 80  
DG  "C2'"  C N N 81  
DG  "C1'"  C N R 82  
DG  N9     N Y N 83  
DG  C8     C Y N 84  
DG  N7     N Y N 85  
DG  C5     C Y N 86  
DG  C6     C N N 87  
DG  O6     O N N 88  
DG  N1     N N N 89  
DG  C2     C N N 90  
DG  N2     N N N 91  
DG  N3     N N N 92  
DG  C4     C Y N 93  
DG  HOP3   H N N 94  
DG  HOP2   H N N 95  
DG  "H5'"  H N N 96  
DG  "H5''" H N N 97  
DG  "H4'"  H N N 98  
DG  "H3'"  H N N 99  
DG  "HO3'" H N N 100 
DG  "H2'"  H N N 101 
DG  "H2''" H N N 102 
DG  "H1'"  H N N 103 
DG  H8     H N N 104 
DG  H1     H N N 105 
DG  H21    H N N 106 
DG  H22    H N N 107 
DT  OP3    O N N 108 
DT  P      P N N 109 
DT  OP1    O N N 110 
DT  OP2    O N N 111 
DT  "O5'"  O N N 112 
DT  "C5'"  C N N 113 
DT  "C4'"  C N R 114 
DT  "O4'"  O N N 115 
DT  "C3'"  C N S 116 
DT  "O3'"  O N N 117 
DT  "C2'"  C N N 118 
DT  "C1'"  C N R 119 
DT  N1     N N N 120 
DT  C2     C N N 121 
DT  O2     O N N 122 
DT  N3     N N N 123 
DT  C4     C N N 124 
DT  O4     O N N 125 
DT  C5     C N N 126 
DT  C7     C N N 127 
DT  C6     C N N 128 
DT  HOP3   H N N 129 
DT  HOP2   H N N 130 
DT  "H5'"  H N N 131 
DT  "H5''" H N N 132 
DT  "H4'"  H N N 133 
DT  "H3'"  H N N 134 
DT  "HO3'" H N N 135 
DT  "H2'"  H N N 136 
DT  "H2''" H N N 137 
DT  "H1'"  H N N 138 
DT  H3     H N N 139 
DT  H71    H N N 140 
DT  H72    H N N 141 
DT  H73    H N N 142 
DT  H6     H N N 143 
HOH O      O N N 144 
HOH H1     H N N 145 
HOH H2     H N N 146 
NT  C1     C N N 147 
NT  N1     N N N 148 
NT  N2     N N N 149 
NT  N3     N N N 150 
NT  C2     C N N 151 
NT  C3     C N N 152 
NT  O1     O N N 153 
NT  N4     N N N 154 
NT  C4     C Y N 155 
NT  C5     C Y N 156 
NT  C6     C Y N 157 
NT  N5     N Y N 158 
NT  C8     C N N 159 
NT  C7     C Y N 160 
NT  C9     C N N 161 
NT  O2     O N N 162 
NT  N6     N N N 163 
NT  C10    C Y N 164 
NT  C11    C Y N 165 
NT  C12    C Y N 166 
NT  N7     N Y N 167 
NT  C14    C N N 168 
NT  C13    C Y N 169 
NT  C15    C N N 170 
NT  O3     O N N 171 
NT  N8     N N N 172 
NT  C16    C N N 173 
NT  C17    C N N 174 
NT  C18    C N N 175 
NT  N9     N N N 176 
NT  N10    N N N 177 
NT  HN1    H N N 178 
NT  HN21   H N N 179 
NT  HN22   H N N 180 
NT  HN3    H N N 181 
NT  H21    H N N 182 
NT  H22    H N N 183 
NT  HN4    H N N 184 
NT  H5     H N N 185 
NT  H81    H N N 186 
NT  H82    H N N 187 
NT  H83    H N N 188 
NT  H7     H N N 189 
NT  HN6    H N N 190 
NT  H11    H N N 191 
NT  H141   H N N 192 
NT  H142   H N N 193 
NT  H143   H N N 194 
NT  H13    H N N 195 
NT  HN8    H N N 196 
NT  H161   H N N 197 
NT  H162   H N N 198 
NT  H171   H N N 199 
NT  H172   H N N 200 
NT  HN9    H N N 201 
NT  HN01   H N N 202 
NT  HN02   H N N 203 
# 
loop_
_chem_comp_bond.comp_id 
_chem_comp_bond.atom_id_1 
_chem_comp_bond.atom_id_2 
_chem_comp_bond.value_order 
_chem_comp_bond.pdbx_aromatic_flag 
_chem_comp_bond.pdbx_stereo_config 
_chem_comp_bond.pdbx_ordinal 
DA  OP3   P      sing N N 1   
DA  OP3   HOP3   sing N N 2   
DA  P     OP1    doub N N 3   
DA  P     OP2    sing N N 4   
DA  P     "O5'"  sing N N 5   
DA  OP2   HOP2   sing N N 6   
DA  "O5'" "C5'"  sing N N 7   
DA  "C5'" "C4'"  sing N N 8   
DA  "C5'" "H5'"  sing N N 9   
DA  "C5'" "H5''" sing N N 10  
DA  "C4'" "O4'"  sing N N 11  
DA  "C4'" "C3'"  sing N N 12  
DA  "C4'" "H4'"  sing N N 13  
DA  "O4'" "C1'"  sing N N 14  
DA  "C3'" "O3'"  sing N N 15  
DA  "C3'" "C2'"  sing N N 16  
DA  "C3'" "H3'"  sing N N 17  
DA  "O3'" "HO3'" sing N N 18  
DA  "C2'" "C1'"  sing N N 19  
DA  "C2'" "H2'"  sing N N 20  
DA  "C2'" "H2''" sing N N 21  
DA  "C1'" N9     sing N N 22  
DA  "C1'" "H1'"  sing N N 23  
DA  N9    C8     sing Y N 24  
DA  N9    C4     sing Y N 25  
DA  C8    N7     doub Y N 26  
DA  C8    H8     sing N N 27  
DA  N7    C5     sing Y N 28  
DA  C5    C6     sing Y N 29  
DA  C5    C4     doub Y N 30  
DA  C6    N6     sing N N 31  
DA  C6    N1     doub Y N 32  
DA  N6    H61    sing N N 33  
DA  N6    H62    sing N N 34  
DA  N1    C2     sing Y N 35  
DA  C2    N3     doub Y N 36  
DA  C2    H2     sing N N 37  
DA  N3    C4     sing Y N 38  
DC  OP3   P      sing N N 39  
DC  OP3   HOP3   sing N N 40  
DC  P     OP1    doub N N 41  
DC  P     OP2    sing N N 42  
DC  P     "O5'"  sing N N 43  
DC  OP2   HOP2   sing N N 44  
DC  "O5'" "C5'"  sing N N 45  
DC  "C5'" "C4'"  sing N N 46  
DC  "C5'" "H5'"  sing N N 47  
DC  "C5'" "H5''" sing N N 48  
DC  "C4'" "O4'"  sing N N 49  
DC  "C4'" "C3'"  sing N N 50  
DC  "C4'" "H4'"  sing N N 51  
DC  "O4'" "C1'"  sing N N 52  
DC  "C3'" "O3'"  sing N N 53  
DC  "C3'" "C2'"  sing N N 54  
DC  "C3'" "H3'"  sing N N 55  
DC  "O3'" "HO3'" sing N N 56  
DC  "C2'" "C1'"  sing N N 57  
DC  "C2'" "H2'"  sing N N 58  
DC  "C2'" "H2''" sing N N 59  
DC  "C1'" N1     sing N N 60  
DC  "C1'" "H1'"  sing N N 61  
DC  N1    C2     sing N N 62  
DC  N1    C6     sing N N 63  
DC  C2    O2     doub N N 64  
DC  C2    N3     sing N N 65  
DC  N3    C4     doub N N 66  
DC  C4    N4     sing N N 67  
DC  C4    C5     sing N N 68  
DC  N4    H41    sing N N 69  
DC  N4    H42    sing N N 70  
DC  C5    C6     doub N N 71  
DC  C5    H5     sing N N 72  
DC  C6    H6     sing N N 73  
DG  OP3   P      sing N N 74  
DG  OP3   HOP3   sing N N 75  
DG  P     OP1    doub N N 76  
DG  P     OP2    sing N N 77  
DG  P     "O5'"  sing N N 78  
DG  OP2   HOP2   sing N N 79  
DG  "O5'" "C5'"  sing N N 80  
DG  "C5'" "C4'"  sing N N 81  
DG  "C5'" "H5'"  sing N N 82  
DG  "C5'" "H5''" sing N N 83  
DG  "C4'" "O4'"  sing N N 84  
DG  "C4'" "C3'"  sing N N 85  
DG  "C4'" "H4'"  sing N N 86  
DG  "O4'" "C1'"  sing N N 87  
DG  "C3'" "O3'"  sing N N 88  
DG  "C3'" "C2'"  sing N N 89  
DG  "C3'" "H3'"  sing N N 90  
DG  "O3'" "HO3'" sing N N 91  
DG  "C2'" "C1'"  sing N N 92  
DG  "C2'" "H2'"  sing N N 93  
DG  "C2'" "H2''" sing N N 94  
DG  "C1'" N9     sing N N 95  
DG  "C1'" "H1'"  sing N N 96  
DG  N9    C8     sing Y N 97  
DG  N9    C4     sing Y N 98  
DG  C8    N7     doub Y N 99  
DG  C8    H8     sing N N 100 
DG  N7    C5     sing Y N 101 
DG  C5    C6     sing N N 102 
DG  C5    C4     doub Y N 103 
DG  C6    O6     doub N N 104 
DG  C6    N1     sing N N 105 
DG  N1    C2     sing N N 106 
DG  N1    H1     sing N N 107 
DG  C2    N2     sing N N 108 
DG  C2    N3     doub N N 109 
DG  N2    H21    sing N N 110 
DG  N2    H22    sing N N 111 
DG  N3    C4     sing N N 112 
DT  OP3   P      sing N N 113 
DT  OP3   HOP3   sing N N 114 
DT  P     OP1    doub N N 115 
DT  P     OP2    sing N N 116 
DT  P     "O5'"  sing N N 117 
DT  OP2   HOP2   sing N N 118 
DT  "O5'" "C5'"  sing N N 119 
DT  "C5'" "C4'"  sing N N 120 
DT  "C5'" "H5'"  sing N N 121 
DT  "C5'" "H5''" sing N N 122 
DT  "C4'" "O4'"  sing N N 123 
DT  "C4'" "C3'"  sing N N 124 
DT  "C4'" "H4'"  sing N N 125 
DT  "O4'" "C1'"  sing N N 126 
DT  "C3'" "O3'"  sing N N 127 
DT  "C3'" "C2'"  sing N N 128 
DT  "C3'" "H3'"  sing N N 129 
DT  "O3'" "HO3'" sing N N 130 
DT  "C2'" "C1'"  sing N N 131 
DT  "C2'" "H2'"  sing N N 132 
DT  "C2'" "H2''" sing N N 133 
DT  "C1'" N1     sing N N 134 
DT  "C1'" "H1'"  sing N N 135 
DT  N1    C2     sing N N 136 
DT  N1    C6     sing N N 137 
DT  C2    O2     doub N N 138 
DT  C2    N3     sing N N 139 
DT  N3    C4     sing N N 140 
DT  N3    H3     sing N N 141 
DT  C4    O4     doub N N 142 
DT  C4    C5     sing N N 143 
DT  C5    C7     sing N N 144 
DT  C5    C6     doub N N 145 
DT  C7    H71    sing N N 146 
DT  C7    H72    sing N N 147 
DT  C7    H73    sing N N 148 
DT  C6    H6     sing N N 149 
HOH O     H1     sing N N 150 
HOH O     H2     sing N N 151 
NT  C1    N1     doub N N 152 
NT  C1    N2     sing N N 153 
NT  C1    N3     sing N N 154 
NT  N1    HN1    sing N N 155 
NT  N2    HN21   sing N N 156 
NT  N2    HN22   sing N N 157 
NT  N3    C2     sing N N 158 
NT  N3    HN3    sing N N 159 
NT  C2    C3     sing N N 160 
NT  C2    H21    sing N N 161 
NT  C2    H22    sing N N 162 
NT  C3    O1     doub N N 163 
NT  C3    N4     sing N N 164 
NT  N4    C4     sing N N 165 
NT  N4    HN4    sing N N 166 
NT  C4    C5     sing Y N 167 
NT  C4    C7     doub Y N 168 
NT  C5    C6     doub Y N 169 
NT  C5    H5     sing N N 170 
NT  C6    N5     sing Y N 171 
NT  C6    C9     sing N N 172 
NT  N5    C8     sing N N 173 
NT  N5    C7     sing Y N 174 
NT  C8    H81    sing N N 175 
NT  C8    H82    sing N N 176 
NT  C8    H83    sing N N 177 
NT  C7    H7     sing N N 178 
NT  C9    O2     doub N N 179 
NT  C9    N6     sing N N 180 
NT  N6    C10    sing N N 181 
NT  N6    HN6    sing N N 182 
NT  C10   C11    sing Y N 183 
NT  C10   C13    doub Y N 184 
NT  C11   C12    doub Y N 185 
NT  C11   H11    sing N N 186 
NT  C12   N7     sing Y N 187 
NT  C12   C15    sing N N 188 
NT  N7    C14    sing N N 189 
NT  N7    C13    sing Y N 190 
NT  C14   H141   sing N N 191 
NT  C14   H142   sing N N 192 
NT  C14   H143   sing N N 193 
NT  C13   H13    sing N N 194 
NT  C15   O3     doub N N 195 
NT  C15   N8     sing N N 196 
NT  N8    C16    sing N N 197 
NT  N8    HN8    sing N N 198 
NT  C16   C17    sing N N 199 
NT  C16   H161   sing N N 200 
NT  C16   H162   sing N N 201 
NT  C17   C18    sing N N 202 
NT  C17   H171   sing N N 203 
NT  C17   H172   sing N N 204 
NT  C18   N9     doub N N 205 
NT  C18   N10    sing N N 206 
NT  N9    HN9    sing N N 207 
NT  N10   HN01   sing N N 208 
NT  N10   HN02   sing N N 209 
# 
_ndb_struct_conf_na.entry_id   1Z8V 
_ndb_struct_conf_na.feature    'b-form double helix' 
# 
loop_
_ndb_struct_na_base_pair.model_number 
_ndb_struct_na_base_pair.i_label_asym_id 
_ndb_struct_na_base_pair.i_label_comp_id 
_ndb_struct_na_base_pair.i_label_seq_id 
_ndb_struct_na_base_pair.i_symmetry 
_ndb_struct_na_base_pair.j_label_asym_id 
_ndb_struct_na_base_pair.j_label_comp_id 
_ndb_struct_na_base_pair.j_label_seq_id 
_ndb_struct_na_base_pair.j_symmetry 
_ndb_struct_na_base_pair.shear 
_ndb_struct_na_base_pair.stretch 
_ndb_struct_na_base_pair.stagger 
_ndb_struct_na_base_pair.buckle 
_ndb_struct_na_base_pair.propeller 
_ndb_struct_na_base_pair.opening 
_ndb_struct_na_base_pair.pair_number 
_ndb_struct_na_base_pair.pair_name 
_ndb_struct_na_base_pair.i_auth_asym_id 
_ndb_struct_na_base_pair.i_auth_seq_id 
_ndb_struct_na_base_pair.i_PDB_ins_code 
_ndb_struct_na_base_pair.j_auth_asym_id 
_ndb_struct_na_base_pair.j_auth_seq_id 
_ndb_struct_na_base_pair.j_PDB_ins_code 
_ndb_struct_na_base_pair.hbond_type_28 
_ndb_struct_na_base_pair.hbond_type_12 
1 A DC 3  1_555 B DG 10 1_555 0.358  -0.178 -0.149 10.451 -19.101 -1.679 1 A_DC3:DG30_B  A 3  ? B 30 ? 19 1 
1 A DC 4  1_555 B DG 9  1_555 0.265  -0.167 -0.291 16.799 -6.182  -1.939 2 A_DC4:DG29_B  A 4  ? B 29 ? 19 1 
1 A DA 5  1_555 B DT 8  1_555 0.069  -0.096 -0.083 6.827  -16.531 6.807  3 A_DA5:DT28_B  A 5  ? B 28 ? 20 1 
1 A DA 6  1_555 B DT 7  1_555 0.222  -0.074 0.056  2.970  -20.062 6.652  4 A_DA6:DT27_B  A 6  ? B 27 ? 20 1 
1 A DT 7  1_555 B DA 6  1_555 -0.167 -0.020 -0.135 -3.197 -19.438 8.200  5 A_DT7:DA26_B  A 7  ? B 26 ? 20 1 
1 A DT 8  1_555 B DA 5  1_555 -0.020 -0.160 -0.055 -5.959 -12.609 4.991  6 A_DT8:DA25_B  A 8  ? B 25 ? 20 1 
1 A DG 9  1_555 B DC 4  1_555 -0.343 -0.156 -0.005 -6.732 -8.377  -0.369 7 A_DG9:DC24_B  A 9  ? B 24 ? 19 1 
1 A DG 10 1_555 B DC 3  1_555 -0.008 -0.137 0.110  -1.622 -11.493 -3.639 8 A_DG10:DC23_B A 10 ? B 23 ? 19 1 
# 
loop_
_ndb_struct_na_base_pair_step.model_number 
_ndb_struct_na_base_pair_step.i_label_asym_id_1 
_ndb_struct_na_base_pair_step.i_label_comp_id_1 
_ndb_struct_na_base_pair_step.i_label_seq_id_1 
_ndb_struct_na_base_pair_step.i_symmetry_1 
_ndb_struct_na_base_pair_step.j_label_asym_id_1 
_ndb_struct_na_base_pair_step.j_label_comp_id_1 
_ndb_struct_na_base_pair_step.j_label_seq_id_1 
_ndb_struct_na_base_pair_step.j_symmetry_1 
_ndb_struct_na_base_pair_step.i_label_asym_id_2 
_ndb_struct_na_base_pair_step.i_label_comp_id_2 
_ndb_struct_na_base_pair_step.i_label_seq_id_2 
_ndb_struct_na_base_pair_step.i_symmetry_2 
_ndb_struct_na_base_pair_step.j_label_asym_id_2 
_ndb_struct_na_base_pair_step.j_label_comp_id_2 
_ndb_struct_na_base_pair_step.j_label_seq_id_2 
_ndb_struct_na_base_pair_step.j_symmetry_2 
_ndb_struct_na_base_pair_step.shift 
_ndb_struct_na_base_pair_step.slide 
_ndb_struct_na_base_pair_step.rise 
_ndb_struct_na_base_pair_step.tilt 
_ndb_struct_na_base_pair_step.roll 
_ndb_struct_na_base_pair_step.twist 
_ndb_struct_na_base_pair_step.x_displacement 
_ndb_struct_na_base_pair_step.y_displacement 
_ndb_struct_na_base_pair_step.helical_rise 
_ndb_struct_na_base_pair_step.inclination 
_ndb_struct_na_base_pair_step.tip 
_ndb_struct_na_base_pair_step.helical_twist 
_ndb_struct_na_base_pair_step.step_number 
_ndb_struct_na_base_pair_step.step_name 
_ndb_struct_na_base_pair_step.i_auth_asym_id_1 
_ndb_struct_na_base_pair_step.i_auth_seq_id_1 
_ndb_struct_na_base_pair_step.i_PDB_ins_code_1 
_ndb_struct_na_base_pair_step.j_auth_asym_id_1 
_ndb_struct_na_base_pair_step.j_auth_seq_id_1 
_ndb_struct_na_base_pair_step.j_PDB_ins_code_1 
_ndb_struct_na_base_pair_step.i_auth_asym_id_2 
_ndb_struct_na_base_pair_step.i_auth_seq_id_2 
_ndb_struct_na_base_pair_step.i_PDB_ins_code_2 
_ndb_struct_na_base_pair_step.j_auth_asym_id_2 
_ndb_struct_na_base_pair_step.j_auth_seq_id_2 
_ndb_struct_na_base_pair_step.j_PDB_ins_code_2 
1 A DC 3 1_555 B DG 10 1_555 A DC 4  1_555 B DG 9 1_555 0.676  0.056  3.261 5.854  10.332 25.276 -2.412 0.031  3.121 22.121 
-12.533 27.886 1 AA_DC3DC4:DG29DG30_BB  A 3 ? B 30 ? A 4  ? B 29 ? 
1 A DC 4 1_555 B DG 9  1_555 A DA 5  1_555 B DT 8 1_555 0.261  0.799  3.509 1.182  6.410  46.461 0.426  -0.222 3.588 8.078  -1.490 
46.891 2 AA_DC4DA5:DT28DG29_BB  A 4 ? B 29 ? A 5  ? B 28 ? 
1 A DA 5 1_555 B DT 8  1_555 A DA 6  1_555 B DT 7 1_555 -0.208 0.063  3.332 -2.925 5.678  33.761 -0.802 -0.116 3.304 9.670  4.980 
34.342 3 AA_DA5DA6:DT27DT28_BB  A 5 ? B 28 ? A 6  ? B 27 ? 
1 A DA 6 1_555 B DT 7  1_555 A DT 7  1_555 B DA 6 1_555 -0.043 -0.639 3.326 1.572  -1.602 33.412 -0.840 0.338  3.346 -2.783 -2.730 
33.485 4 AA_DA6DT7:DA26DT27_BB  A 6 ? B 27 ? A 7  ? B 26 ? 
1 A DT 7 1_555 B DA 6  1_555 A DT 8  1_555 B DA 5 1_555 0.555  0.474  3.311 2.111  4.399  39.088 0.169  -0.567 3.366 6.543  -3.141 
39.379 5 AA_DT7DT8:DA25DA26_BB  A 7 ? B 26 ? A 8  ? B 25 ? 
1 A DT 8 1_555 B DA 5  1_555 A DG 9  1_555 B DC 4 1_555 -0.519 0.008  3.348 -1.170 7.509  30.192 -1.462 0.738  3.272 14.137 2.203 
31.112 6 AA_DT8DG9:DC24DA25_BB  A 8 ? B 25 ? A 9  ? B 24 ? 
1 A DG 9 1_555 B DC 4  1_555 A DG 10 1_555 B DC 3 1_555 0.161  -0.350 3.198 -1.773 8.731  33.286 -1.903 -0.538 3.001 14.913 3.028 
34.425 7 AA_DG9DG10:DC23DC24_BB A 9 ? B 24 ? A 10 ? B 23 ? 
# 
_pdbx_initial_refinement_model.accession_code   432D 
_pdbx_initial_refinement_model.id               1 
_pdbx_initial_refinement_model.entity_id_list   ? 
_pdbx_initial_refinement_model.type             'experimental model' 
_pdbx_initial_refinement_model.source_name      PDB 
_pdbx_initial_refinement_model.details          'NDB ENTRY DD0002' 
# 
_atom_sites.entry_id                    1Z8V 
_atom_sites.fract_transf_matrix[1][1]   -0.02478821 
_atom_sites.fract_transf_matrix[1][2]   0.00399205 
_atom_sites.fract_transf_matrix[1][3]   -0.02908761 
_atom_sites.fract_transf_matrix[2][1]   0.01954561 
_atom_sites.fract_transf_matrix[2][2]   0.00647357 
_atom_sites.fract_transf_matrix[2][3]   -0.01576815 
_atom_sites.fract_transf_matrix[3][1]   0.00236439 
_atom_sites.fract_transf_matrix[3][2]   -0.01809595 
_atom_sites.fract_transf_matrix[3][3]   -0.00449844 
_atom_sites.fract_transf_vector[1]      0.343313 
_atom_sites.fract_transf_vector[2]      0.457278 
_atom_sites.fract_transf_vector[3]      0.285361 
# 
loop_
_atom_type.symbol 
C 
N 
O 
P 
# 
loop_
_atom_site.group_PDB 
_atom_site.id 
_atom_site.type_symbol 
_atom_site.label_atom_id 
_atom_site.label_alt_id 
_atom_site.label_comp_id 
_atom_site.label_asym_id 
_atom_site.label_entity_id 
_atom_site.label_seq_id 
_atom_site.pdbx_PDB_ins_code 
_atom_site.Cartn_x 
_atom_site.Cartn_y 
_atom_site.Cartn_z 
_atom_site.occupancy 
_atom_site.B_iso_or_equiv 
_atom_site.pdbx_formal_charge 
_atom_site.auth_seq_id 
_atom_site.auth_comp_id 
_atom_site.auth_asym_id 
_atom_site.auth_atom_id 
_atom_site.pdbx_PDB_model_num 
ATOM   1   O "O5'" . DG  A 1 1  ? -17.333 18.670  -0.621  1.00 47.00 ? 1   DG  A "O5'" 1 
ATOM   2   C "C5'" . DG  A 1 1  ? -16.380 17.573  -0.785  1.00 42.56 ? 1   DG  A "C5'" 1 
ATOM   3   C "C4'" . DG  A 1 1  ? -16.344 16.775  0.516   1.00 39.86 ? 1   DG  A "C4'" 1 
ATOM   4   O "O4'" . DG  A 1 1  ? -17.606 16.079  0.655   1.00 32.90 ? 1   DG  A "O4'" 1 
ATOM   5   C "C3'" . DG  A 1 1  ? -15.280 15.712  0.653   1.00 36.60 ? 1   DG  A "C3'" 1 
ATOM   6   O "O3'" . DG  A 1 1  ? -14.555 16.037  1.848   1.00 40.98 ? 1   DG  A "O3'" 1 
ATOM   7   C "C2'" . DG  A 1 1  ? -16.060 14.404  0.786   1.00 37.34 ? 1   DG  A "C2'" 1 
ATOM   8   C "C1'" . DG  A 1 1  ? -17.477 14.823  1.228   1.00 33.82 ? 1   DG  A "C1'" 1 
ATOM   9   N N9    . DG  A 1 1  ? -18.690 14.146  0.728   1.00 30.95 ? 1   DG  A N9    1 
ATOM   10  C C8    . DG  A 1 1  ? -19.158 14.002  -0.560  1.00 31.63 ? 1   DG  A C8    1 
ATOM   11  N N7    . DG  A 1 1  ? -20.304 13.374  -0.687  1.00 30.15 ? 1   DG  A N7    1 
ATOM   12  C C5    . DG  A 1 1  ? -20.649 13.093  0.643   1.00 30.29 ? 1   DG  A C5    1 
ATOM   13  C C6    . DG  A 1 1  ? -21.795 12.436  1.208   1.00 27.46 ? 1   DG  A C6    1 
ATOM   14  O O6    . DG  A 1 1  ? -22.769 11.948  0.612   1.00 30.54 ? 1   DG  A O6    1 
ATOM   15  N N1    . DG  A 1 1  ? -21.695 12.410  2.624   1.00 28.14 ? 1   DG  A N1    1 
ATOM   16  C C2    . DG  A 1 1  ? -20.661 12.933  3.378   1.00 22.74 ? 1   DG  A C2    1 
ATOM   17  N N2    . DG  A 1 1  ? -20.612 12.841  4.765   1.00 22.40 ? 1   DG  A N2    1 
ATOM   18  N N3    . DG  A 1 1  ? -19.624 13.535  2.846   1.00 25.36 ? 1   DG  A N3    1 
ATOM   19  C C4    . DG  A 1 1  ? -19.690 13.577  1.493   1.00 28.89 ? 1   DG  A C4    1 
ATOM   20  P P     . DG  A 1 2  ? -13.010 15.657  1.882   1.00 42.86 ? 2   DG  A P     1 
ATOM   21  O OP1   . DG  A 1 2  ? -12.378 16.666  2.773   1.00 45.66 ? 2   DG  A OP1   1 
ATOM   22  O OP2   . DG  A 1 2  ? -12.615 15.348  0.501   1.00 39.44 ? 2   DG  A OP2   1 
ATOM   23  O "O5'" . DG  A 1 2  ? -13.011 14.291  2.663   1.00 33.05 ? 2   DG  A "O5'" 1 
ATOM   24  C "C5'" . DG  A 1 2  ? -13.218 14.364  3.971   1.00 27.86 ? 2   DG  A "C5'" 1 
ATOM   25  C "C4'" . DG  A 1 2  ? -13.504 12.979  4.498   1.00 29.76 ? 2   DG  A "C4'" 1 
ATOM   26  O "O4'" . DG  A 1 2  ? -14.784 12.538  3.980   1.00 27.15 ? 2   DG  A "O4'" 1 
ATOM   27  C "C3'" . DG  A 1 2  ? -12.502 11.906  4.034   1.00 29.16 ? 2   DG  A "C3'" 1 
ATOM   28  O "O3'" . DG  A 1 2  ? -12.241 11.088  5.083   1.00 32.45 ? 2   DG  A "O3'" 1 
ATOM   29  C "C2'" . DG  A 1 2  ? -13.265 11.188  2.917   1.00 29.09 ? 2   DG  A "C2'" 1 
ATOM   30  C "C1'" . DG  A 1 2  ? -14.668 11.210  3.504   1.00 27.89 ? 2   DG  A "C1'" 1 
ATOM   31  N N9    . DG  A 1 2  ? -15.726 10.933  2.529   1.00 24.19 ? 2   DG  A N9    1 
ATOM   32  C C8    . DG  A 1 2  ? -15.655 11.068  1.125   1.00 30.01 ? 2   DG  A C8    1 
ATOM   33  N N7    . DG  A 1 2  ? -16.755 10.729  0.580   1.00 28.42 ? 2   DG  A N7    1 
ATOM   34  C C5    . DG  A 1 2  ? -17.604 10.393  1.680   1.00 25.19 ? 2   DG  A C5    1 
ATOM   35  C C6    . DG  A 1 2  ? -18.940 9.908   1.755   1.00 28.09 ? 2   DG  A C6    1 
ATOM   36  O O6    . DG  A 1 2  ? -19.694 9.767   0.787   1.00 28.24 ? 2   DG  A O6    1 
ATOM   37  N N1    . DG  A 1 2  ? -19.441 9.670   3.049   1.00 22.06 ? 2   DG  A N1    1 
ATOM   38  C C2    . DG  A 1 2  ? -18.672 9.827   4.157   1.00 24.67 ? 2   DG  A C2    1 
ATOM   39  N N2    . DG  A 1 2  ? -19.276 9.530   5.292   1.00 23.03 ? 2   DG  A N2    1 
ATOM   40  N N3    . DG  A 1 2  ? -17.399 10.246  4.103   1.00 22.33 ? 2   DG  A N3    1 
ATOM   41  C C4    . DG  A 1 2  ? -16.942 10.486  2.854   1.00 26.28 ? 2   DG  A C4    1 
ATOM   42  P P     . DC  A 1 3  ? -10.945 11.334  6.026   1.00 32.28 ? 3   DC  A P     1 
ATOM   43  O OP1   . DC  A 1 3  ? -10.932 10.185  6.990   1.00 39.35 ? 3   DC  A OP1   1 
ATOM   44  O OP2   . DC  A 1 3  ? -10.952 12.755  6.292   1.00 34.89 ? 3   DC  A OP2   1 
ATOM   45  O "O5'" . DC  A 1 3  ? -9.727  11.162  4.995   1.00 31.34 ? 3   DC  A "O5'" 1 
ATOM   46  C "C5'" . DC  A 1 3  ? -9.453  9.949   4.453   1.00 29.92 ? 3   DC  A "C5'" 1 
ATOM   47  C "C4'" . DC  A 1 3  ? -8.739  10.253  3.191   1.00 29.07 ? 3   DC  A "C4'" 1 
ATOM   48  O "O4'" . DC  A 1 3  ? -7.412  10.753  3.548   1.00 30.06 ? 3   DC  A "O4'" 1 
ATOM   49  C "C3'" . DC  A 1 3  ? -8.483  9.038   2.352   1.00 30.55 ? 3   DC  A "C3'" 1 
ATOM   50  O "O3'" . DC  A 1 3  ? -9.216  9.093   1.135   1.00 36.50 ? 3   DC  A "O3'" 1 
ATOM   51  C "C2'" . DC  A 1 3  ? -6.973  9.053   2.062   1.00 32.56 ? 3   DC  A "C2'" 1 
ATOM   52  C "C1'" . DC  A 1 3  ? -6.539  10.439  2.498   1.00 30.31 ? 3   DC  A "C1'" 1 
ATOM   53  N N1    . DC  A 1 3  ? -5.138  10.399  3.018   1.00 26.87 ? 3   DC  A N1    1 
ATOM   54  C C2    . DC  A 1 3  ? -4.076  10.977  2.365   1.00 26.29 ? 3   DC  A C2    1 
ATOM   55  O O2    . DC  A 1 3  ? -4.254  11.567  1.302   1.00 27.76 ? 3   DC  A O2    1 
ATOM   56  N N3    . DC  A 1 3  ? -2.871  10.861  2.933   1.00 27.00 ? 3   DC  A N3    1 
ATOM   57  C C4    . DC  A 1 3  ? -2.652  10.182  4.037   1.00 24.89 ? 3   DC  A C4    1 
ATOM   58  N N4    . DC  A 1 3  ? -1.389  10.112  4.501   1.00 24.13 ? 3   DC  A N4    1 
ATOM   59  C C5    . DC  A 1 3  ? -3.714  9.595   4.715   1.00 23.46 ? 3   DC  A C5    1 
ATOM   60  C C6    . DC  A 1 3  ? -4.926  9.724   4.168   1.00 28.30 ? 3   DC  A C6    1 
ATOM   61  P P     . DC  A 1 4  ? -9.500  7.759   0.351   1.00 42.40 ? 4   DC  A P     1 
ATOM   62  O OP1   . DC  A 1 4  ? -10.509 8.264   -0.617  1.00 40.52 ? 4   DC  A OP1   1 
ATOM   63  O OP2   . DC  A 1 4  ? -9.640  6.865   1.499   1.00 40.35 ? 4   DC  A OP2   1 
ATOM   64  O "O5'" . DC  A 1 4  ? -8.325  7.259   -0.566  1.00 38.36 ? 4   DC  A "O5'" 1 
ATOM   65  C "C5'" . DC  A 1 4  ? -7.839  8.163   -1.492  1.00 38.81 ? 4   DC  A "C5'" 1 
ATOM   66  C "C4'" . DC  A 1 4  ? -6.553  7.558   -1.955  1.00 37.58 ? 4   DC  A "C4'" 1 
ATOM   67  O "O4'" . DC  A 1 4  ? -5.608  7.927   -0.950  1.00 35.26 ? 4   DC  A "O4'" 1 
ATOM   68  C "C3'" . DC  A 1 4  ? -6.484  6.041   -2.041  1.00 37.36 ? 4   DC  A "C3'" 1 
ATOM   69  O "O3'" . DC  A 1 4  ? -5.561  5.745   -3.091  1.00 43.62 ? 4   DC  A "O3'" 1 
ATOM   70  C "C2'" . DC  A 1 4  ? -5.933  5.607   -0.677  1.00 35.09 ? 4   DC  A "C2'" 1 
ATOM   71  C "C1'" . DC  A 1 4  ? -4.909  6.766   -0.627  1.00 33.34 ? 4   DC  A "C1'" 1 
ATOM   72  N N1    . DC  A 1 4  ? -4.075  6.874   0.627   1.00 31.67 ? 4   DC  A N1    1 
ATOM   73  C C2    . DC  A 1 4  ? -2.835  7.507   0.483   1.00 30.66 ? 4   DC  A C2    1 
ATOM   74  O O2    . DC  A 1 4  ? -2.485  7.996   -0.621  1.00 32.75 ? 4   DC  A O2    1 
ATOM   75  N N3    . DC  A 1 4  ? -2.068  7.568   1.587   1.00 28.44 ? 4   DC  A N3    1 
ATOM   76  C C4    . DC  A 1 4  ? -2.487  7.038   2.697   1.00 25.17 ? 4   DC  A C4    1 
ATOM   77  N N4    . DC  A 1 4  ? -1.707  7.067   3.740   1.00 25.61 ? 4   DC  A N4    1 
ATOM   78  C C5    . DC  A 1 4  ? -3.726  6.426   2.875   1.00 27.91 ? 4   DC  A C5    1 
ATOM   79  C C6    . DC  A 1 4  ? -4.490  6.304   1.794   1.00 31.47 ? 4   DC  A C6    1 
ATOM   80  P P     . DA  A 1 5  ? -6.043  5.162   -4.522  1.00 46.17 ? 5   DA  A P     1 
ATOM   81  O OP1   . DA  A 1 5  ? -6.975  6.192   -4.939  1.00 50.70 ? 5   DA  A OP1   1 
ATOM   82  O OP2   . DA  A 1 5  ? -6.428  3.834   -4.105  1.00 43.34 ? 5   DA  A OP2   1 
ATOM   83  O "O5'" . DA  A 1 5  ? -4.750  5.275   -5.482  1.00 44.32 ? 5   DA  A "O5'" 1 
ATOM   84  C "C5'" . DA  A 1 5  ? -4.152  6.505   -5.755  1.00 41.25 ? 5   DA  A "C5'" 1 
ATOM   85  C "C4'" . DA  A 1 5  ? -2.650  6.379   -5.868  1.00 42.40 ? 5   DA  A "C4'" 1 
ATOM   86  O "O4'" . DA  A 1 5  ? -2.005  6.321   -4.544  1.00 38.23 ? 5   DA  A "O4'" 1 
ATOM   87  C "C3'" . DA  A 1 5  ? -2.190  5.113   -6.599  1.00 41.22 ? 5   DA  A "C3'" 1 
ATOM   88  O "O3'" . DA  A 1 5  ? -1.058  5.464   -7.320  1.00 44.45 ? 5   DA  A "O3'" 1 
ATOM   89  C "C2'" . DA  A 1 5  ? -1.856  4.147   -5.447  1.00 41.06 ? 5   DA  A "C2'" 1 
ATOM   90  C "C1'" . DA  A 1 5  ? -1.302  5.086   -4.366  1.00 36.19 ? 5   DA  A "C1'" 1 
ATOM   91  N N9    . DA  A 1 5  ? -1.573  4.722   -2.947  1.00 32.76 ? 5   DA  A N9    1 
ATOM   92  C C8    . DA  A 1 5  ? -2.703  4.127   -2.468  1.00 34.43 ? 5   DA  A C8    1 
ATOM   93  N N7    . DA  A 1 5  ? -2.693  3.919   -1.166  1.00 33.51 ? 5   DA  A N7    1 
ATOM   94  C C5    . DA  A 1 5  ? -1.489  4.410   -0.768  1.00 25.97 ? 5   DA  A C5    1 
ATOM   95  C C6    . DA  A 1 5  ? -0.898  4.486   0.464   1.00 24.42 ? 5   DA  A C6    1 
ATOM   96  N N6    . DA  A 1 5  ? -1.531  4.051   1.562   1.00 24.99 ? 5   DA  A N6    1 
ATOM   97  N N1    . DA  A 1 5  ? 0.332   5.008   0.506   1.00 22.60 ? 5   DA  A N1    1 
ATOM   98  C C2    . DA  A 1 5  ? 0.897   5.449   -0.579  1.00 25.68 ? 5   DA  A C2    1 
ATOM   99  N N3    . DA  A 1 5  ? 0.448   5.409   -1.821  1.00 26.88 ? 5   DA  A N3    1 
ATOM   100 C C4    . DA  A 1 5  ? -0.770  4.912   -1.846  1.00 28.71 ? 5   DA  A C4    1 
ATOM   101 P P     . DA  A 1 6  ? -0.227  4.447   -8.254  1.00 43.73 ? 6   DA  A P     1 
ATOM   102 O OP1   . DA  A 1 6  ? 0.229   5.262   -9.400  1.00 43.18 ? 6   DA  A OP1   1 
ATOM   103 O OP2   . DA  A 1 6  ? -1.002  3.204   -8.418  1.00 42.21 ? 6   DA  A OP2   1 
ATOM   104 O "O5'" . DA  A 1 6  ? 1.149   4.174   -7.493  1.00 38.00 ? 6   DA  A "O5'" 1 
ATOM   105 C "C5'" . DA  A 1 6  ? 2.061   5.148   -7.028  1.00 36.00 ? 6   DA  A "C5'" 1 
ATOM   106 C "C4'" . DA  A 1 6  ? 3.100   4.416   -6.238  1.00 35.41 ? 6   DA  A "C4'" 1 
ATOM   107 O "O4'" . DA  A 1 6  ? 2.489   4.040   -4.961  1.00 32.77 ? 6   DA  A "O4'" 1 
ATOM   108 C "C3'" . DA  A 1 6  ? 3.640   3.112   -6.789  1.00 36.91 ? 6   DA  A "C3'" 1 
ATOM   109 O "O3'" . DA  A 1 6  ? 5.035   3.249   -6.795  1.00 39.97 ? 6   DA  A "O3'" 1 
ATOM   110 C "C2'" . DA  A 1 6  ? 3.106   2.018   -5.843  1.00 35.46 ? 6   DA  A "C2'" 1 
ATOM   111 C "C1'" . DA  A 1 6  ? 2.856   2.762   -4.527  1.00 33.51 ? 6   DA  A "C1'" 1 
ATOM   112 N N9    . DA  A 1 6  ? 1.779   2.258   -3.648  1.00 26.99 ? 6   DA  A N9    1 
ATOM   113 C C8    . DA  A 1 6  ? 0.492   1.885   -3.923  1.00 28.11 ? 6   DA  A C8    1 
ATOM   114 N N7    . DA  A 1 6  ? -0.249  1.520   -2.889  1.00 26.98 ? 6   DA  A N7    1 
ATOM   115 C C5    . DA  A 1 6  ? 0.655   1.692   -1.866  1.00 26.97 ? 6   DA  A C5    1 
ATOM   116 C C6    . DA  A 1 6  ? 0.489   1.532   -0.479  1.00 25.56 ? 6   DA  A C6    1 
ATOM   117 N N6    . DA  A 1 6  ? -0.620  1.107   0.055   1.00 26.28 ? 6   DA  A N6    1 
ATOM   118 N N1    . DA  A 1 6  ? 1.551   1.786   0.295   1.00 25.16 ? 6   DA  A N1    1 
ATOM   119 C C2    . DA  A 1 6  ? 2.646   2.266   -0.271  1.00 27.55 ? 6   DA  A C2    1 
ATOM   120 N N3    . DA  A 1 6  ? 2.922   2.492   -1.563  1.00 27.91 ? 6   DA  A N3    1 
ATOM   121 C C4    . DA  A 1 6  ? 1.856   2.188   -2.284  1.00 26.82 ? 6   DA  A C4    1 
ATOM   122 P P     . DT  A 1 7  ? 6.015   2.034   -7.129  1.00 43.29 ? 7   DT  A P     1 
ATOM   123 O OP1   . DT  A 1 7  ? 7.214   2.682   -7.660  1.00 43.85 ? 7   DT  A OP1   1 
ATOM   124 O OP2   . DT  A 1 7  ? 5.202   0.957   -7.692  1.00 42.44 ? 7   DT  A OP2   1 
ATOM   125 O "O5'" . DT  A 1 7  ? 6.507   1.593   -5.667  1.00 41.44 ? 7   DT  A "O5'" 1 
ATOM   126 C "C5'" . DT  A 1 7  ? 6.951   2.464   -4.668  1.00 36.30 ? 7   DT  A "C5'" 1 
ATOM   127 C "C4'" . DT  A 1 7  ? 7.182   1.700   -3.379  1.00 32.52 ? 7   DT  A "C4'" 1 
ATOM   128 O "O4'" . DT  A 1 7  ? 5.869   1.266   -2.933  1.00 29.66 ? 7   DT  A "O4'" 1 
ATOM   129 C "C3'" . DT  A 1 7  ? 8.108   0.457   -3.492  1.00 31.32 ? 7   DT  A "C3'" 1 
ATOM   130 O "O3'" . DT  A 1 7  ? 9.254   0.603   -2.679  1.00 36.31 ? 7   DT  A "O3'" 1 
ATOM   131 C "C2'" . DT  A 1 7  ? 7.187   -0.671  -3.020  1.00 32.43 ? 7   DT  A "C2'" 1 
ATOM   132 C "C1'" . DT  A 1 7  ? 6.115   0.084   -2.201  1.00 29.24 ? 7   DT  A "C1'" 1 
ATOM   133 N N1    . DT  A 1 7  ? 4.792   -0.454  -2.029  1.00 26.18 ? 7   DT  A N1    1 
ATOM   134 C C2    . DT  A 1 7  ? 4.271   -0.654  -0.759  1.00 28.29 ? 7   DT  A C2    1 
ATOM   135 O O2    . DT  A 1 7  ? 4.927   -0.463  0.239   1.00 30.10 ? 7   DT  A O2    1 
ATOM   136 N N3    . DT  A 1 7  ? 2.995   -1.144  -0.698  1.00 25.50 ? 7   DT  A N3    1 
ATOM   137 C C4    . DT  A 1 7  ? 2.169   -1.397  -1.745  1.00 24.91 ? 7   DT  A C4    1 
ATOM   138 O O4    . DT  A 1 7  ? 1.039   -1.818  -1.668  1.00 27.01 ? 7   DT  A O4    1 
ATOM   139 C C5    . DT  A 1 7  ? 2.752   -1.171  -3.027  1.00 25.07 ? 7   DT  A C5    1 
ATOM   140 C C7    . DT  A 1 7  ? 1.957   -1.464  -4.253  1.00 28.34 ? 7   DT  A C7    1 
ATOM   141 C C6    . DT  A 1 7  ? 3.997   -0.722  -3.101  1.00 23.95 ? 7   DT  A C6    1 
ATOM   142 P P     . DT  A 1 8  ? 10.387  -0.487  -2.600  1.00 36.22 ? 8   DT  A P     1 
ATOM   143 O OP1   . DT  A 1 8  ? 11.635  0.268   -2.216  1.00 38.52 ? 8   DT  A OP1   1 
ATOM   144 O OP2   . DT  A 1 8  ? 10.263  -1.051  -3.924  1.00 35.00 ? 8   DT  A OP2   1 
ATOM   145 O "O5'" . DT  A 1 8  ? 10.079  -1.521  -1.487  1.00 34.66 ? 8   DT  A "O5'" 1 
ATOM   146 C "C5'" . DT  A 1 8  ? 10.068  -1.059  -0.219  1.00 34.30 ? 8   DT  A "C5'" 1 
ATOM   147 C "C4'" . DT  A 1 8  ? 9.390   -2.087  0.585   1.00 31.95 ? 8   DT  A "C4'" 1 
ATOM   148 O "O4'" . DT  A 1 8  ? 8.052   -2.363  0.076   1.00 29.11 ? 8   DT  A "O4'" 1 
ATOM   149 C "C3'" . DT  A 1 8  ? 10.126  -3.407  0.554   1.00 34.42 ? 8   DT  A "C3'" 1 
ATOM   150 O "O3'" . DT  A 1 8  ? 10.618  -3.589  1.831   1.00 37.55 ? 8   DT  A "O3'" 1 
ATOM   151 C "C2'" . DT  A 1 8  ? 9.057   -4.415  0.139   1.00 31.96 ? 8   DT  A "C2'" 1 
ATOM   152 C "C1'" . DT  A 1 8  ? 7.750   -3.679  0.431   1.00 31.85 ? 8   DT  A "C1'" 1 
ATOM   153 N N1    . DT  A 1 8  ? 6.462   -4.029  -0.334  1.00 28.91 ? 8   DT  A N1    1 
ATOM   154 C C2    . DT  A 1 8  ? 5.300   -4.248  0.377   1.00 28.14 ? 8   DT  A C2    1 
ATOM   155 O O2    . DT  A 1 8  ? 5.218   -4.290  1.614   1.00 29.47 ? 8   DT  A O2    1 
ATOM   156 N N3    . DT  A 1 8  ? 4.197   -4.480  -0.396  1.00 25.90 ? 8   DT  A N3    1 
ATOM   157 C C4    . DT  A 1 8  ? 4.150   -4.443  -1.789  1.00 26.55 ? 8   DT  A C4    1 
ATOM   158 O O4    . DT  A 1 8  ? 3.099   -4.673  -2.375  1.00 24.01 ? 8   DT  A O4    1 
ATOM   159 C C5    . DT  A 1 8  ? 5.395   -4.198  -2.462  1.00 24.17 ? 8   DT  A C5    1 
ATOM   160 C C7    . DT  A 1 8  ? 5.434   -4.152  -3.966  1.00 24.47 ? 8   DT  A C7    1 
ATOM   161 C C6    . DT  A 1 8  ? 6.470   -3.985  -1.723  1.00 26.39 ? 8   DT  A C6    1 
ATOM   162 P P     . DG  A 1 9  ? 11.474  -4.847  2.204   1.00 38.21 ? 9   DG  A P     1 
ATOM   163 O OP1   . DG  A 1 9  ? 12.365  -4.351  3.274   1.00 44.03 ? 9   DG  A OP1   1 
ATOM   164 O OP2   . DG  A 1 9  ? 12.077  -5.401  0.966   1.00 37.76 ? 9   DG  A OP2   1 
ATOM   165 O "O5'" . DG  A 1 9  ? 10.534  -5.887  2.885   1.00 36.04 ? 9   DG  A "O5'" 1 
ATOM   166 C "C5'" . DG  A 1 9  ? 9.757   -5.411  3.949   1.00 32.60 ? 9   DG  A "C5'" 1 
ATOM   167 C "C4'" . DG  A 1 9  ? 8.864   -6.509  4.369   1.00 34.54 ? 9   DG  A "C4'" 1 
ATOM   168 O "O4'" . DG  A 1 9  ? 7.718   -6.609  3.470   1.00 31.90 ? 9   DG  A "O4'" 1 
ATOM   169 C "C3'" . DG  A 1 9  ? 9.532   -7.884  4.426   1.00 35.71 ? 9   DG  A "C3'" 1 
ATOM   170 O "O3'" . DG  A 1 9  ? 9.320   -8.483  5.687   1.00 41.29 ? 9   DG  A "O3'" 1 
ATOM   171 C "C2'" . DG  A 1 9  ? 8.816   -8.645  3.311   1.00 32.27 ? 9   DG  A "C2'" 1 
ATOM   172 C "C1'" . DG  A 1 9  ? 7.462   -7.987  3.248   1.00 31.99 ? 9   DG  A "C1'" 1 
ATOM   173 N N9    . DG  A 1 9  ? 6.731   -7.969  1.990   1.00 29.15 ? 9   DG  A N9    1 
ATOM   174 C C8    . DG  A 1 9  ? 7.200   -7.651  0.714   1.00 30.13 ? 9   DG  A C8    1 
ATOM   175 N N7    . DG  A 1 9  ? 6.274   -7.677  -0.225  1.00 25.11 ? 9   DG  A N7    1 
ATOM   176 C C5    . DG  A 1 9  ? 5.157   -7.937  0.506   1.00 24.60 ? 9   DG  A C5    1 
ATOM   177 C C6    . DG  A 1 9  ? 3.846   -8.096  0.058   1.00 24.98 ? 9   DG  A C6    1 
ATOM   178 O O6    . DG  A 1 9  ? 3.474   -7.943  -1.117  1.00 25.47 ? 9   DG  A O6    1 
ATOM   179 N N1    . DG  A 1 9  ? 2.972   -8.364  1.093   1.00 26.97 ? 9   DG  A N1    1 
ATOM   180 C C2    . DG  A 1 9  ? 3.321   -8.510  2.420   1.00 24.68 ? 9   DG  A C2    1 
ATOM   181 N N2    . DG  A 1 9  ? 2.357   -8.835  3.333   1.00 28.95 ? 9   DG  A N2    1 
ATOM   182 N N3    . DG  A 1 9  ? 4.539   -8.402  2.811   1.00 26.83 ? 9   DG  A N3    1 
ATOM   183 C C4    . DG  A 1 9  ? 5.407   -8.079  1.850   1.00 24.74 ? 9   DG  A C4    1 
ATOM   184 P P     . DG  A 1 10 ? 9.738   -10.011 6.062   1.00 44.20 ? 10  DG  A P     1 
ATOM   185 O OP1   . DG  A 1 10 ? 9.698   -10.007 7.540   1.00 46.29 ? 10  DG  A OP1   1 
ATOM   186 O OP2   . DG  A 1 10 ? 10.883  -10.375 5.220   1.00 45.09 ? 10  DG  A OP2   1 
ATOM   187 O "O5'" . DG  A 1 10 ? 8.547   -10.957 5.654   1.00 43.01 ? 10  DG  A "O5'" 1 
ATOM   188 C "C5'" . DG  A 1 10 ? 7.422   -10.797 6.447   1.00 42.93 ? 10  DG  A "C5'" 1 
ATOM   189 C "C4'" . DG  A 1 10 ? 6.289   -11.692 6.022   1.00 41.91 ? 10  DG  A "C4'" 1 
ATOM   190 O "O4'" . DG  A 1 10 ? 5.799   -11.220 4.720   1.00 38.03 ? 10  DG  A "O4'" 1 
ATOM   191 C "C3'" . DG  A 1 10 ? 6.655   -13.158 5.888   1.00 40.87 ? 10  DG  A "C3'" 1 
ATOM   192 O "O3'" . DG  A 1 10 ? 5.725   -14.037 6.470   1.00 41.63 ? 10  DG  A "O3'" 1 
ATOM   193 C "C2'" . DG  A 1 10 ? 6.543   -13.365 4.365   1.00 38.07 ? 10  DG  A "C2'" 1 
ATOM   194 C "C1'" . DG  A 1 10 ? 5.484   -12.360 3.951   1.00 35.87 ? 10  DG  A "C1'" 1 
ATOM   195 N N9    . DG  A 1 10 ? 5.526   -11.979 2.518   1.00 28.29 ? 10  DG  A N9    1 
ATOM   196 C C8    . DG  A 1 10 ? 6.622   -11.595 1.770   1.00 27.47 ? 10  DG  A C8    1 
ATOM   197 N N7    . DG  A 1 10 ? 6.332   -11.267 0.515   1.00 26.01 ? 10  DG  A N7    1 
ATOM   198 C C5    . DG  A 1 10 ? 4.919   -11.459 0.489   1.00 25.56 ? 10  DG  A C5    1 
ATOM   199 C C6    . DG  A 1 10 ? 3.955   -11.297 -0.550  1.00 25.82 ? 10  DG  A C6    1 
ATOM   200 O O6    . DG  A 1 10 ? 4.159   -10.976 -1.719  1.00 27.51 ? 10  DG  A O6    1 
ATOM   201 N N1    . DG  A 1 10 ? 2.633   -11.605 -0.141  1.00 26.37 ? 10  DG  A N1    1 
ATOM   202 C C2    . DG  A 1 10 ? 2.291   -11.992 1.141   1.00 27.37 ? 10  DG  A C2    1 
ATOM   203 N N2    . DG  A 1 10 ? 1.011   -12.224 1.422   1.00 29.60 ? 10  DG  A N2    1 
ATOM   204 N N3    . DG  A 1 10 ? 3.167   -12.120 2.127   1.00 26.29 ? 10  DG  A N3    1 
ATOM   205 C C4    . DG  A 1 10 ? 4.436   -11.854 1.713   1.00 26.24 ? 10  DG  A C4    1 
ATOM   206 O "O5'" . DG  B 1 1  ? 5.020   -14.648 -13.553 1.00 52.32 ? 21  DG  B "O5'" 1 
ATOM   207 C "C5'" . DG  B 1 1  ? 3.679   -14.718 -14.079 1.00 49.50 ? 21  DG  B "C5'" 1 
ATOM   208 C "C4'" . DG  B 1 1  ? 2.583   -14.833 -13.026 1.00 49.29 ? 21  DG  B "C4'" 1 
ATOM   209 O "O4'" . DG  B 1 1  ? 3.062   -15.331 -11.743 1.00 49.21 ? 21  DG  B "O4'" 1 
ATOM   210 C "C3'" . DG  B 1 1  ? 1.868   -13.536 -12.643 1.00 48.51 ? 21  DG  B "C3'" 1 
ATOM   211 O "O3'" . DG  B 1 1  ? 0.513   -13.806 -12.351 1.00 48.25 ? 21  DG  B "O3'" 1 
ATOM   212 C "C2'" . DG  B 1 1  ? 2.561   -13.062 -11.376 1.00 46.15 ? 21  DG  B "C2'" 1 
ATOM   213 C "C1'" . DG  B 1 1  ? 2.784   -14.396 -10.702 1.00 43.76 ? 21  DG  B "C1'" 1 
ATOM   214 N N9    . DG  B 1 1  ? 3.957   -14.476 -9.868  1.00 38.64 ? 21  DG  B N9    1 
ATOM   215 C C8    . DG  B 1 1  ? 5.247   -14.085 -10.211 1.00 37.14 ? 21  DG  B C8    1 
ATOM   216 N N7    . DG  B 1 1  ? 6.104   -14.312 -9.247  1.00 35.05 ? 21  DG  B N7    1 
ATOM   217 C C5    . DG  B 1 1  ? 5.328   -14.925 -8.257  1.00 32.40 ? 21  DG  B C5    1 
ATOM   218 C C6    . DG  B 1 1  ? 5.738   -15.382 -6.999  1.00 30.18 ? 21  DG  B C6    1 
ATOM   219 O O6    . DG  B 1 1  ? 6.868   -15.285 -6.589  1.00 28.75 ? 21  DG  B O6    1 
ATOM   220 N N1    . DG  B 1 1  ? 4.678   -15.894 -6.249  1.00 28.67 ? 21  DG  B N1    1 
ATOM   221 C C2    . DG  B 1 1  ? 3.369   -15.980 -6.676  1.00 25.89 ? 21  DG  B C2    1 
ATOM   222 N N2    . DG  B 1 1  ? 2.459   -16.538 -5.823  1.00 26.80 ? 21  DG  B N2    1 
ATOM   223 N N3    . DG  B 1 1  ? 2.984   -15.560 -7.872  1.00 29.64 ? 21  DG  B N3    1 
ATOM   224 C C4    . DG  B 1 1  ? 4.015   -15.035 -8.581  1.00 31.17 ? 21  DG  B C4    1 
ATOM   225 P P     . DG  B 1 2  ? -0.509  -12.598 -12.186 1.00 49.78 ? 22  DG  B P     1 
ATOM   226 O OP1   . DG  B 1 2  ? -1.780  -12.972 -12.852 1.00 52.44 ? 22  DG  B OP1   1 
ATOM   227 O OP2   . DG  B 1 2  ? 0.164   -11.286 -12.389 1.00 48.64 ? 22  DG  B OP2   1 
ATOM   228 O "O5'" . DG  B 1 2  ? -0.930  -12.616 -10.653 1.00 50.28 ? 22  DG  B "O5'" 1 
ATOM   229 C "C5'" . DG  B 1 2  ? -1.648  -13.708 -10.146 1.00 48.18 ? 22  DG  B "C5'" 1 
ATOM   230 C "C4'" . DG  B 1 2  ? -1.843  -13.420 -8.684  1.00 46.27 ? 22  DG  B "C4'" 1 
ATOM   231 O "O4'" . DG  B 1 2  ? -0.531  -13.608 -8.064  1.00 41.27 ? 22  DG  B "O4'" 1 
ATOM   232 C "C3'" . DG  B 1 2  ? -2.322  -12.004 -8.347  1.00 44.12 ? 22  DG  B "C3'" 1 
ATOM   233 O "O3'" . DG  B 1 2  ? -3.228  -12.029 -7.242  1.00 50.72 ? 22  DG  B "O3'" 1 
ATOM   234 C "C2'" . DG  B 1 2  ? -1.027  -11.317 -7.924  1.00 42.63 ? 22  DG  B "C2'" 1 
ATOM   235 C "C1'" . DG  B 1 2  ? -0.372  -12.494 -7.210  1.00 38.58 ? 22  DG  B "C1'" 1 
ATOM   236 N N9    . DG  B 1 2  ? 1.058   -12.380 -6.958  1.00 32.47 ? 22  DG  B N9    1 
ATOM   237 C C8    . DG  B 1 2  ? 2.023   -11.857 -7.765  1.00 33.99 ? 22  DG  B C8    1 
ATOM   238 N N7    . DG  B 1 2  ? 3.218   -11.895 -7.275  1.00 30.34 ? 22  DG  B N7    1 
ATOM   239 C C5    . DG  B 1 2  ? 3.034   -12.550 -6.081  1.00 25.56 ? 22  DG  B C5    1 
ATOM   240 C C6    . DG  B 1 2  ? 3.939   -12.901 -5.083  1.00 28.10 ? 22  DG  B C6    1 
ATOM   241 O O6    . DG  B 1 2  ? 5.213   -12.763 -5.056  1.00 25.35 ? 22  DG  B O6    1 
ATOM   242 N N1    . DG  B 1 2  ? 3.316   -13.548 -4.053  1.00 25.58 ? 22  DG  B N1    1 
ATOM   243 C C2    . DG  B 1 2  ? 1.972   -13.815 -3.929  1.00 27.75 ? 22  DG  B C2    1 
ATOM   244 N N2    . DG  B 1 2  ? 1.601   -14.426 -2.817  1.00 28.02 ? 22  DG  B N2    1 
ATOM   245 N N3    . DG  B 1 2  ? 1.110   -13.462 -4.836  1.00 27.09 ? 22  DG  B N3    1 
ATOM   246 C C4    . DG  B 1 2  ? 1.685   -12.864 -5.881  1.00 27.07 ? 22  DG  B C4    1 
ATOM   247 P P     . DC  B 1 3  ? -4.476  -11.011 -7.068  1.00 53.50 ? 23  DC  B P     1 
ATOM   248 O OP1   . DC  B 1 3  ? -5.394  -11.615 -8.078  1.00 54.93 ? 23  DC  B OP1   1 
ATOM   249 O OP2   . DC  B 1 3  ? -4.010  -9.596  -7.158  1.00 51.31 ? 23  DC  B OP2   1 
ATOM   250 O "O5'" . DC  B 1 3  ? -5.014  -11.268 -5.584  1.00 49.81 ? 23  DC  B "O5'" 1 
ATOM   251 C "C5'" . DC  B 1 3  ? -5.381  -12.515 -5.123  1.00 46.06 ? 23  DC  B "C5'" 1 
ATOM   252 C "C4'" . DC  B 1 3  ? -4.894  -12.620 -3.697  1.00 45.29 ? 23  DC  B "C4'" 1 
ATOM   253 O "O4'" . DC  B 1 3  ? -3.449  -12.637 -3.686  1.00 38.94 ? 23  DC  B "O4'" 1 
ATOM   254 C "C3'" . DC  B 1 3  ? -5.322  -11.471 -2.794  1.00 45.79 ? 23  DC  B "C3'" 1 
ATOM   255 O "O3'" . DC  B 1 3  ? -6.075  -11.890 -1.625  1.00 48.51 ? 23  DC  B "O3'" 1 
ATOM   256 C "C2'" . DC  B 1 3  ? -4.043  -10.821 -2.294  1.00 43.67 ? 23  DC  B "C2'" 1 
ATOM   257 C "C1'" . DC  B 1 3  ? -3.054  -11.927 -2.526  1.00 41.98 ? 23  DC  B "C1'" 1 
ATOM   258 N N1    . DC  B 1 3  ? -1.701  -11.400 -2.803  1.00 32.83 ? 23  DC  B N1    1 
ATOM   259 C C2    . DC  B 1 3  ? -0.737  -11.624 -1.859  1.00 31.61 ? 23  DC  B C2    1 
ATOM   260 O O2    . DC  B 1 3  ? -0.998  -12.232 -0.832  1.00 29.66 ? 23  DC  B O2    1 
ATOM   261 N N3    . DC  B 1 3  ? 0.525   -11.193 -2.136  1.00 27.08 ? 23  DC  B N3    1 
ATOM   262 C C4    . DC  B 1 3  ? 0.823   -10.562 -3.230  1.00 27.03 ? 23  DC  B C4    1 
ATOM   263 N N4    . DC  B 1 3  ? 2.122   -10.229 -3.398  1.00 27.51 ? 23  DC  B N4    1 
ATOM   264 C C5    . DC  B 1 3  ? -0.134  -10.331 -4.214  1.00 28.30 ? 23  DC  B C5    1 
ATOM   265 C C6    . DC  B 1 3  ? -1.381  -10.766 -3.952  1.00 32.67 ? 23  DC  B C6    1 
ATOM   266 P P     . DC  B 1 4  ? -6.825  -10.650 -0.917  1.00 50.69 ? 24  DC  B P     1 
ATOM   267 O OP1   . DC  B 1 4  ? -8.169  -11.148 -0.573  1.00 54.87 ? 24  DC  B OP1   1 
ATOM   268 O OP2   . DC  B 1 4  ? -6.620  -9.363  -1.635  1.00 52.13 ? 24  DC  B OP2   1 
ATOM   269 O "O5'" . DC  B 1 4  ? -5.957  -10.408 0.391   1.00 47.86 ? 24  DC  B "O5'" 1 
ATOM   270 C "C5'" . DC  B 1 4  ? -5.582  -11.438 1.222   1.00 44.28 ? 24  DC  B "C5'" 1 
ATOM   271 C "C4'" . DC  B 1 4  ? -4.736  -10.755 2.253   1.00 43.51 ? 24  DC  B "C4'" 1 
ATOM   272 O "O4'" . DC  B 1 4  ? -3.578  -10.353 1.527   1.00 42.95 ? 24  DC  B "O4'" 1 
ATOM   273 C "C3'" . DC  B 1 4  ? -5.259  -9.426  2.782   1.00 41.44 ? 24  DC  B "C3'" 1 
ATOM   274 O "O3'" . DC  B 1 4  ? -5.160  -9.501  4.180   1.00 41.62 ? 24  DC  B "O3'" 1 
ATOM   275 C "C2'" . DC  B 1 4  ? -4.324  -8.330  2.247   1.00 41.64 ? 24  DC  B "C2'" 1 
ATOM   276 C "C1'" . DC  B 1 4  ? -3.069  -9.148  2.038   1.00 38.30 ? 24  DC  B "C1'" 1 
ATOM   277 N N1    . DC  B 1 4  ? -2.080  -8.758  1.014   1.00 32.74 ? 24  DC  B N1    1 
ATOM   278 C C2    . DC  B 1 4  ? -0.716  -8.782  1.282   1.00 29.52 ? 24  DC  B C2    1 
ATOM   279 O O2    . DC  B 1 4  ? -0.219  -9.108  2.411   1.00 33.53 ? 24  DC  B O2    1 
ATOM   280 N N3    . DC  B 1 4  ? 0.093   -8.431  0.236   1.00 29.33 ? 24  DC  B N3    1 
ATOM   281 C C4    . DC  B 1 4  ? -0.292  -8.063  -0.948  1.00 26.84 ? 24  DC  B C4    1 
ATOM   282 N N4    . DC  B 1 4  ? 0.629   -7.734  -1.872  1.00 25.08 ? 24  DC  B N4    1 
ATOM   283 C C5    . DC  B 1 4  ? -1.685  -8.045  -1.228  1.00 30.20 ? 24  DC  B C5    1 
ATOM   284 C C6    . DC  B 1 4  ? -2.525  -8.382  -0.226  1.00 33.24 ? 24  DC  B C6    1 
ATOM   285 P P     . DA  B 1 5  ? -5.773  -8.358  5.077   1.00 45.10 ? 25  DA  B P     1 
ATOM   286 O OP1   . DA  B 1 5  ? -6.306  -9.147  6.225   1.00 45.29 ? 25  DA  B OP1   1 
ATOM   287 O OP2   . DA  B 1 5  ? -6.535  -7.420  4.249   1.00 47.24 ? 25  DA  B OP2   1 
ATOM   288 O "O5'" . DA  B 1 5  ? -4.530  -7.527  5.597   1.00 40.92 ? 25  DA  B "O5'" 1 
ATOM   289 C "C5'" . DA  B 1 5  ? -3.451  -8.207  6.180   1.00 40.89 ? 25  DA  B "C5'" 1 
ATOM   290 C "C4'" . DA  B 1 5  ? -2.297  -7.261  6.453   1.00 38.48 ? 25  DA  B "C4'" 1 
ATOM   291 O "O4'" . DA  B 1 5  ? -1.575  -7.167  5.197   1.00 38.81 ? 25  DA  B "O4'" 1 
ATOM   292 C "C3'" . DA  B 1 5  ? -2.635  -5.828  6.856   1.00 35.88 ? 25  DA  B "C3'" 1 
ATOM   293 O "O3'" . DA  B 1 5  ? -1.678  -5.328  7.735   1.00 41.26 ? 25  DA  B "O3'" 1 
ATOM   294 C "C2'" . DA  B 1 5  ? -2.561  -5.031  5.559   1.00 37.55 ? 25  DA  B "C2'" 1 
ATOM   295 C "C1'" . DA  B 1 5  ? -1.400  -5.779  4.896   1.00 37.82 ? 25  DA  B "C1'" 1 
ATOM   296 N N9    . DA  B 1 5  ? -1.236  -5.534  3.450   1.00 33.89 ? 25  DA  B N9    1 
ATOM   297 C C8    . DA  B 1 5  ? -2.225  -5.382  2.508   1.00 33.40 ? 25  DA  B C8    1 
ATOM   298 N N7    . DA  B 1 5  ? -1.755  -5.160  1.296   1.00 32.03 ? 25  DA  B N7    1 
ATOM   299 C C5    . DA  B 1 5  ? -0.382  -5.204  1.481   1.00 27.62 ? 25  DA  B C5    1 
ATOM   300 C C6    . DA  B 1 5  ? 0.648   -5.046  0.551   1.00 27.15 ? 25  DA  B C6    1 
ATOM   301 N N6    . DA  B 1 5  ? 0.349   -4.794  -0.726  1.00 26.13 ? 25  DA  B N6    1 
ATOM   302 N N1    . DA  B 1 5  ? 1.911   -5.099  0.990   1.00 27.56 ? 25  DA  B N1    1 
ATOM   303 C C2    . DA  B 1 5  ? 2.100   -5.310  2.303   1.00 27.05 ? 25  DA  B C2    1 
ATOM   304 N N3    . DA  B 1 5  ? 1.190   -5.506  3.268   1.00 31.04 ? 25  DA  B N3    1 
ATOM   305 C C4    . DA  B 1 5  ? -0.048  -5.426  2.779   1.00 28.60 ? 25  DA  B C4    1 
ATOM   306 P P     . DA  B 1 6  ? -2.039  -4.260  8.857   1.00 43.37 ? 26  DA  B P     1 
ATOM   307 O OP1   . DA  B 1 6  ? -2.434  -5.217  9.878   1.00 45.96 ? 26  DA  B OP1   1 
ATOM   308 O OP2   . DA  B 1 6  ? -2.972  -3.298  8.271   1.00 43.30 ? 26  DA  B OP2   1 
ATOM   309 O "O5'" . DA  B 1 6  ? -0.574  -3.666  9.185   1.00 37.56 ? 26  DA  B "O5'" 1 
ATOM   310 C "C5'" . DA  B 1 6  ? 0.518   -4.622  9.218   1.00 38.04 ? 26  DA  B "C5'" 1 
ATOM   311 C "C4'" . DA  B 1 6  ? 1.823   -3.936  8.832   1.00 39.74 ? 26  DA  B "C4'" 1 
ATOM   312 O "O4'" . DA  B 1 6  ? 1.839   -3.792  7.384   1.00 38.18 ? 26  DA  B "O4'" 1 
ATOM   313 C "C3'" . DA  B 1 6  ? 2.032   -2.518  9.367   1.00 38.56 ? 26  DA  B "C3'" 1 
ATOM   314 O "O3'" . DA  B 1 6  ? 3.410   -2.396  9.681   1.00 42.16 ? 26  DA  B "O3'" 1 
ATOM   315 C "C2'" . DA  B 1 6  ? 1.571   -1.627  8.197   1.00 37.71 ? 26  DA  B "C2'" 1 
ATOM   316 C "C1'" . DA  B 1 6  ? 2.024   -2.450  7.013   1.00 34.03 ? 26  DA  B "C1'" 1 
ATOM   317 N N9    . DA  B 1 6  ? 1.204   -2.316  5.807   1.00 28.98 ? 26  DA  B N9    1 
ATOM   318 C C8    . DA  B 1 6  ? -0.153  -2.342  5.716   1.00 30.23 ? 26  DA  B C8    1 
ATOM   319 N N7    . DA  B 1 6  ? -0.614  -2.213  4.481   1.00 29.98 ? 26  DA  B N7    1 
ATOM   320 C C5    . DA  B 1 6  ? 0.545   -2.120  3.700   1.00 26.32 ? 26  DA  B C5    1 
ATOM   321 C C6    . DA  B 1 6  ? 0.713   -1.963  2.304   1.00 26.58 ? 26  DA  B C6    1 
ATOM   322 N N6    . DA  B 1 6  ? -0.312  -1.890  1.406   1.00 26.46 ? 26  DA  B N6    1 
ATOM   323 N N1    . DA  B 1 6  ? 1.945   -1.843  1.916   1.00 22.22 ? 26  DA  B N1    1 
ATOM   324 C C2    . DA  B 1 6  ? 2.931   -1.985  2.791   1.00 30.06 ? 26  DA  B C2    1 
ATOM   325 N N3    . DA  B 1 6  ? 2.908   -2.130  4.121   1.00 29.95 ? 26  DA  B N3    1 
ATOM   326 C C4    . DA  B 1 6  ? 1.649   -2.172  4.507   1.00 27.72 ? 26  DA  B C4    1 
ATOM   327 P P     . DT  B 1 7  ? 3.955   -1.056  10.318  1.00 42.48 ? 27  DT  B P     1 
ATOM   328 O OP1   . DT  B 1 7  ? 5.140   -1.334  11.139  1.00 40.20 ? 27  DT  B OP1   1 
ATOM   329 O OP2   . DT  B 1 7  ? 2.806   -0.275  10.731  1.00 40.38 ? 27  DT  B OP2   1 
ATOM   330 O "O5'" . DT  B 1 7  ? 4.587   -0.363  9.072   1.00 36.84 ? 27  DT  B "O5'" 1 
ATOM   331 C "C5'" . DT  B 1 7  ? 5.624   -0.973  8.341   1.00 37.60 ? 27  DT  B "C5'" 1 
ATOM   332 C "C4'" . DT  B 1 7  ? 5.916   -0.102  7.137   1.00 35.36 ? 27  DT  B "C4'" 1 
ATOM   333 O "O4'" . DT  B 1 7  ? 4.749   -0.165  6.257   1.00 30.83 ? 27  DT  B "O4'" 1 
ATOM   334 C "C3'" . DT  B 1 7  ? 6.189   1.385   7.400   1.00 33.97 ? 27  DT  B "C3'" 1 
ATOM   335 O "O3'" . DT  B 1 7  ? 7.501   1.627   7.046   1.00 33.32 ? 27  DT  B "O3'" 1 
ATOM   336 C "C2'" . DT  B 1 7  ? 5.227   2.123   6.458   1.00 32.19 ? 27  DT  B "C2'" 1 
ATOM   337 C "C1'" . DT  B 1 7  ? 4.783   1.049   5.479   1.00 31.98 ? 27  DT  B "C1'" 1 
ATOM   338 N N1    . DT  B 1 7  ? 3.409   1.206   4.890   1.00 28.74 ? 27  DT  B N1    1 
ATOM   339 C C2    . DT  B 1 7  ? 3.265   1.361   3.507   1.00 31.98 ? 27  DT  B C2    1 
ATOM   340 O O2    . DT  B 1 7  ? 4.182   1.450   2.719   1.00 29.27 ? 27  DT  B O2    1 
ATOM   341 N N3    . DT  B 1 7  ? 1.994   1.393   3.069   1.00 26.67 ? 27  DT  B N3    1 
ATOM   342 C C4    . DT  B 1 7  ? 0.843   1.365   3.828   1.00 26.91 ? 27  DT  B C4    1 
ATOM   343 O O4    . DT  B 1 7  ? -0.288  1.441   3.312   1.00 27.86 ? 27  DT  B O4    1 
ATOM   344 C C5    . DT  B 1 7  ? 1.016   1.232   5.255   1.00 24.27 ? 27  DT  B C5    1 
ATOM   345 C C7    . DT  B 1 7  ? -0.217  1.184   6.128   1.00 32.25 ? 27  DT  B C7    1 
ATOM   346 C C6    . DT  B 1 7  ? 2.291   1.139   5.708   1.00 29.60 ? 27  DT  B C6    1 
ATOM   347 P P     . DT  B 1 8  ? 8.261   3.003   7.217   1.00 41.34 ? 28  DT  B P     1 
ATOM   348 O OP1   . DT  B 1 8  ? 9.672   2.602   7.143   1.00 41.01 ? 28  DT  B OP1   1 
ATOM   349 O OP2   . DT  B 1 8  ? 7.665   3.659   8.403   1.00 42.87 ? 28  DT  B OP2   1 
ATOM   350 O "O5'" . DT  B 1 8  ? 7.985   3.877   5.912   1.00 36.65 ? 28  DT  B "O5'" 1 
ATOM   351 C "C5'" . DT  B 1 8  ? 8.402   3.413   4.701   1.00 36.34 ? 28  DT  B "C5'" 1 
ATOM   352 C "C4'" . DT  B 1 8  ? 7.761   4.288   3.635   1.00 35.44 ? 28  DT  B "C4'" 1 
ATOM   353 O "O4'" . DT  B 1 8  ? 6.352   4.041   3.639   1.00 32.73 ? 28  DT  B "O4'" 1 
ATOM   354 C "C3'" . DT  B 1 8  ? 7.882   5.807   3.805   1.00 35.71 ? 28  DT  B "C3'" 1 
ATOM   355 O "O3'" . DT  B 1 8  ? 8.383   6.220   2.615   1.00 40.99 ? 28  DT  B "O3'" 1 
ATOM   356 C "C2'" . DT  B 1 8  ? 6.479   6.348   3.986   1.00 34.88 ? 28  DT  B "C2'" 1 
ATOM   357 C "C1'" . DT  B 1 8  ? 5.741   5.280   3.195   1.00 33.25 ? 28  DT  B "C1'" 1 
ATOM   358 N N1    . DT  B 1 8  ? 4.318   5.163   3.473   1.00 28.70 ? 28  DT  B N1    1 
ATOM   359 C C2    . DT  B 1 8  ? 3.447   5.104   2.403   1.00 29.22 ? 28  DT  B C2    1 
ATOM   360 O O2    . DT  B 1 8  ? 3.825   5.196   1.257   1.00 27.82 ? 28  DT  B O2    1 
ATOM   361 N N3    . DT  B 1 8  ? 2.139   4.930   2.714   1.00 27.20 ? 28  DT  B N3    1 
ATOM   362 C C4    . DT  B 1 8  ? 1.584   4.812   3.977   1.00 23.50 ? 28  DT  B C4    1 
ATOM   363 O O4    . DT  B 1 8  ? 0.323   4.656   4.090   1.00 26.76 ? 28  DT  B O4    1 
ATOM   364 C C5    . DT  B 1 8  ? 2.528   4.876   5.081   1.00 24.05 ? 28  DT  B C5    1 
ATOM   365 C C7    . DT  B 1 8  ? 2.072   4.755   6.511   1.00 25.70 ? 28  DT  B C7    1 
ATOM   366 C C6    . DT  B 1 8  ? 3.834   5.059   4.784   1.00 27.74 ? 28  DT  B C6    1 
ATOM   367 P P     . DG  B 1 9  ? 8.971   7.672   2.364   1.00 44.80 ? 29  DG  B P     1 
ATOM   368 O OP1   . DG  B 1 9  ? 10.284  7.387   1.770   1.00 43.56 ? 29  DG  B OP1   1 
ATOM   369 O OP2   . DG  B 1 9  ? 8.693   8.452   3.595   1.00 43.52 ? 29  DG  B OP2   1 
ATOM   370 O "O5'" . DG  B 1 9  ? 8.230   8.215   1.134   1.00 37.77 ? 29  DG  B "O5'" 1 
ATOM   371 C "C5'" . DG  B 1 9  ? 8.278   7.494   -0.010  1.00 37.65 ? 29  DG  B "C5'" 1 
ATOM   372 C "C4'" . DG  B 1 9  ? 7.429   8.138   -1.030  1.00 34.98 ? 29  DG  B "C4'" 1 
ATOM   373 O "O4'" . DG  B 1 9  ? 6.025   8.023   -0.713  1.00 35.43 ? 29  DG  B "O4'" 1 
ATOM   374 C "C3'" . DG  B 1 9  ? 7.692   9.608   -1.200  1.00 38.10 ? 29  DG  B "C3'" 1 
ATOM   375 O "O3'" . DG  B 1 9  ? 7.526   9.827   -2.579  1.00 41.51 ? 29  DG  B "O3'" 1 
ATOM   376 C "C2'" . DG  B 1 9  ? 6.621   10.281  -0.346  1.00 37.97 ? 29  DG  B "C2'" 1 
ATOM   377 C "C1'" . DG  B 1 9  ? 5.453   9.327   -0.490  1.00 35.41 ? 29  DG  B "C1'" 1 
ATOM   378 N N9    . DG  B 1 9  ? 4.538   9.102   0.630   1.00 31.64 ? 29  DG  B N9    1 
ATOM   379 C C8    . DG  B 1 9  ? 4.908   8.908   1.950   1.00 30.09 ? 29  DG  B C8    1 
ATOM   380 N N7    . DG  B 1 9  ? 3.903   8.638   2.737   1.00 29.89 ? 29  DG  B N7    1 
ATOM   381 C C5    . DG  B 1 9  ? 2.786   8.616   1.886   1.00 26.61 ? 29  DG  B C5    1 
ATOM   382 C C6    . DG  B 1 9  ? 1.434   8.335   2.228   1.00 27.67 ? 29  DG  B C6    1 
ATOM   383 O O6    . DG  B 1 9  ? 0.971   8.102   3.356   1.00 28.26 ? 29  DG  B O6    1 
ATOM   384 N N1    . DG  B 1 9  ? 0.635   8.420   1.120   1.00 25.90 ? 29  DG  B N1    1 
ATOM   385 C C2    . DG  B 1 9  ? 1.107   8.694   -0.132  1.00 27.63 ? 29  DG  B C2    1 
ATOM   386 N N2    . DG  B 1 9  ? 0.229   8.712   -1.134  1.00 27.11 ? 29  DG  B N2    1 
ATOM   387 N N3    . DG  B 1 9  ? 2.376   8.870   -0.488  1.00 29.16 ? 29  DG  B N3    1 
ATOM   388 C C4    . DG  B 1 9  ? 3.162   8.858   0.589   1.00 28.57 ? 29  DG  B C4    1 
ATOM   389 P P     . DG  B 1 10 ? 7.671   11.280  -3.170  1.00 44.30 ? 30  DG  B P     1 
ATOM   390 O OP1   . DG  B 1 10 ? 8.229   11.038  -4.526  1.00 49.71 ? 30  DG  B OP1   1 
ATOM   391 O OP2   . DG  B 1 10 ? 8.358   12.059  -2.102  1.00 45.67 ? 30  DG  B OP2   1 
ATOM   392 O "O5'" . DG  B 1 10 ? 6.213   11.859  -3.432  1.00 43.00 ? 30  DG  B "O5'" 1 
ATOM   393 C "C5'" . DG  B 1 10 ? 5.324   11.256  -4.360  1.00 41.84 ? 30  DG  B "C5'" 1 
ATOM   394 C "C4'" . DG  B 1 10 ? 3.961   11.918  -4.299  1.00 42.73 ? 30  DG  B "C4'" 1 
ATOM   395 O "O4'" . DG  B 1 10 ? 3.235   11.632  -3.067  1.00 39.83 ? 30  DG  B "O4'" 1 
ATOM   396 C "C3'" . DG  B 1 10 ? 4.003   13.438  -4.333  1.00 43.15 ? 30  DG  B "C3'" 1 
ATOM   397 O "O3'" . DG  B 1 10 ? 2.969   13.836  -5.234  1.00 45.31 ? 30  DG  B "O3'" 1 
ATOM   398 C "C2'" . DG  B 1 10 ? 3.773   13.870  -2.873  1.00 39.95 ? 30  DG  B "C2'" 1 
ATOM   399 C "C1'" . DG  B 1 10 ? 2.778   12.812  -2.435  1.00 37.90 ? 30  DG  B "C1'" 1 
ATOM   400 N N9    . DG  B 1 10 ? 2.584   12.549  -0.980  1.00 29.45 ? 30  DG  B N9    1 
ATOM   401 C C8    . DG  B 1 10 ? 3.486   12.513  0.033   1.00 28.40 ? 30  DG  B C8    1 
ATOM   402 N N7    . DG  B 1 10 ? 2.970   12.226  1.221   1.00 26.32 ? 30  DG  B N7    1 
ATOM   403 C C5    . DG  B 1 10 ? 1.608   12.079  0.928   1.00 26.17 ? 30  DG  B C5    1 
ATOM   404 C C6    . DG  B 1 10 ? 0.571   11.758  1.818   1.00 25.14 ? 30  DG  B C6    1 
ATOM   405 O O6    . DG  B 1 10 ? 0.754   11.563  3.028   1.00 23.33 ? 30  DG  B O6    1 
ATOM   406 N N1    . DG  B 1 10 ? -0.706  11.695  1.187   1.00 26.35 ? 30  DG  B N1    1 
ATOM   407 C C2    . DG  B 1 10 ? -0.878  11.905  -0.200  1.00 27.70 ? 30  DG  B C2    1 
ATOM   408 N N2    . DG  B 1 10 ? -2.148  11.798  -0.649  1.00 30.52 ? 30  DG  B N2    1 
ATOM   409 N N3    . DG  B 1 10 ? 0.145   12.200  -1.026  1.00 28.38 ? 30  DG  B N3    1 
ATOM   410 C C4    . DG  B 1 10 ? 1.345   12.250  -0.400  1.00 27.59 ? 30  DG  B C4    1 
HETATM 411 C C1    . NT  C 2 .  ? 3.592   7.206   -4.055  1.00 36.49 ? 31  NT  B C1    1 
HETATM 412 N N1    . NT  C 2 .  ? 2.306   7.198   -3.728  1.00 33.43 ? 31  NT  B N1    1 
HETATM 413 N N2    . NT  C 2 .  ? 4.049   8.057   -4.981  1.00 38.60 ? 31  NT  B N2    1 
HETATM 414 N N3    . NT  C 2 .  ? 4.488   6.403   -3.503  1.00 36.30 ? 31  NT  B N3    1 
HETATM 415 C C2    . NT  C 2 .  ? 4.282   5.805   -2.191  1.00 35.10 ? 31  NT  B C2    1 
HETATM 416 C C3    . NT  C 2 .  ? 5.532   5.082   -1.845  1.00 34.49 ? 31  NT  B C3    1 
HETATM 417 O O1    . NT  C 2 .  ? 6.625   5.174   -2.686  1.00 36.58 ? 31  NT  B O1    1 
HETATM 418 N N4    . NT  C 2 .  ? 5.519   4.361   -0.776  1.00 34.45 ? 31  NT  B N4    1 
HETATM 419 C C4    . NT  C 2 .  ? 6.624   3.687   -0.371  1.00 33.73 ? 31  NT  B C4    1 
HETATM 420 C C5    . NT  C 2 .  ? 6.543   2.655   0.491   1.00 33.88 ? 31  NT  B C5    1 
HETATM 421 C C6    . NT  C 2 .  ? 7.801   2.190   0.727   1.00 33.01 ? 31  NT  B C6    1 
HETATM 422 N N5    . NT  C 2 .  ? 8.644   2.954   0.008   1.00 35.35 ? 31  NT  B N5    1 
HETATM 423 C C8    . NT  C 2 .  ? 10.140  2.868   -0.082  1.00 38.29 ? 31  NT  B C8    1 
HETATM 424 C C7    . NT  C 2 .  ? 7.959   3.877   -0.677  1.00 33.12 ? 31  NT  B C7    1 
HETATM 425 C C9    . NT  C 2 .  ? 8.138   1.227   1.750   1.00 30.95 ? 31  NT  B C9    1 
HETATM 426 O O2    . NT  C 2 .  ? 9.458   1.259   2.178   1.00 38.33 ? 31  NT  B O2    1 
HETATM 427 N N6    . NT  C 2 .  ? 7.265   0.384   2.230   1.00 32.98 ? 31  NT  B N6    1 
HETATM 428 C C10   . NT  C 2 .  ? 7.534   -0.557  3.223   1.00 33.94 ? 31  NT  B C10   1 
HETATM 429 C C11   . NT  C 2 .  ? 6.751   -1.651  3.424   1.00 32.70 ? 31  NT  B C11   1 
HETATM 430 C C12   . NT  C 2 .  ? 7.296   -2.367  4.481   1.00 33.42 ? 31  NT  B C12   1 
HETATM 431 N N7    . NT  C 2 .  ? 8.381   -1.705  4.944   1.00 34.79 ? 31  NT  B N7    1 
HETATM 432 C C14   . NT  C 2 .  ? 9.260   -2.094  6.110   1.00 38.44 ? 31  NT  B C14   1 
HETATM 433 C C13   . NT  C 2 .  ? 8.554   -0.593  4.188   1.00 35.69 ? 31  NT  B C13   1 
HETATM 434 C C15   . NT  C 2 .  ? 6.609   -3.516  5.080   1.00 35.03 ? 31  NT  B C15   1 
HETATM 435 O O3    . NT  C 2 .  ? 6.832   -3.789  6.392   1.00 40.52 ? 31  NT  B O3    1 
HETATM 436 N N8    . NT  C 2 .  ? 5.775   -4.285  4.396   1.00 34.85 ? 31  NT  B N8    1 
HETATM 437 C C16   . NT  C 2 .  ? 5.104   -5.426  5.016   1.00 36.02 ? 31  NT  B C16   1 
HETATM 438 C C17   . NT  C 2 .  ? 3.926   -4.962  5.838   1.00 35.58 ? 31  NT  B C17   1 
HETATM 439 C C18   . NT  C 2 .  ? 3.172   -6.127  6.437   1.00 38.07 ? 31  NT  B C18   1 
HETATM 440 N N9    . NT  C 2 .  ? 3.601   -6.567  7.624   1.00 40.01 ? 31  NT  B N9    1 
HETATM 441 N N10   . NT  C 2 .  ? 2.145   -6.691  5.858   1.00 33.40 ? 31  NT  B N10   1 
HETATM 442 O O     . HOH D 3 .  ? -16.121 10.835  6.362   1.00 29.18 ? 102 HOH A O     1 
HETATM 443 O O     . HOH D 3 .  ? 9.019   -3.686  -3.702  1.00 35.12 ? 104 HOH A O     1 
HETATM 444 O O     . HOH D 3 .  ? 4.712   -1.367  -6.357  1.00 41.79 ? 105 HOH A O     1 
HETATM 445 O O     . HOH D 3 .  ? 2.254   -5.507  -4.807  1.00 28.83 ? 106 HOH A O     1 
HETATM 446 O O     . HOH D 3 .  ? -16.761 11.261  -2.198  1.00 42.56 ? 108 HOH A O     1 
HETATM 447 O O     . HOH D 3 .  ? 8.366   -3.355  -5.906  1.00 40.36 ? 112 HOH A O     1 
HETATM 448 O O     . HOH D 3 .  ? -9.532  14.837  5.536   1.00 41.97 ? 113 HOH A O     1 
HETATM 449 O O     . HOH D 3 .  ? -2.458  0.211   -3.039  1.00 45.04 ? 115 HOH A O     1 
HETATM 450 O O     . HOH D 3 .  ? -3.969  2.623   1.996   1.00 38.49 ? 116 HOH A O     1 
HETATM 451 O O     . HOH D 3 .  ? 12.963  -9.282  3.660   1.00 51.31 ? 118 HOH A O     1 
HETATM 452 O O     . HOH D 3 .  ? -4.586  2.231   -0.204  1.00 42.10 ? 120 HOH A O     1 
HETATM 453 O O     . HOH D 3 .  ? -1.188  -2.278  -2.693  1.00 37.49 ? 123 HOH A O     1 
HETATM 454 O O     . HOH D 3 .  ? 0.121   0.732   -7.271  1.00 40.13 ? 124 HOH A O     1 
HETATM 455 O O     . HOH D 3 .  ? -11.294 6.334   3.702   1.00 41.28 ? 125 HOH A O     1 
HETATM 456 O O     . HOH D 3 .  ? -3.320  9.201   -3.004  1.00 46.24 ? 127 HOH A O     1 
HETATM 457 O O     . HOH D 3 .  ? 11.720  -6.759  -1.108  1.00 44.89 ? 130 HOH A O     1 
HETATM 458 O O     . HOH D 3 .  ? -5.509  11.080  -1.368  1.00 48.32 ? 131 HOH A O     1 
HETATM 459 O O     . HOH D 3 .  ? -25.590 13.154  0.077   1.00 44.09 ? 133 HOH A O     1 
HETATM 460 O O     . HOH D 3 .  ? 2.392   -4.463  -6.960  1.00 45.71 ? 137 HOH A O     1 
HETATM 461 O O     . HOH D 3 .  ? -12.704 9.610   -0.207  1.00 46.17 ? 144 HOH A O     1 
HETATM 462 O O     . HOH D 3 .  ? -4.451  9.704   -5.305  1.00 48.97 ? 145 HOH A O     1 
HETATM 463 O O     . HOH D 3 .  ? -8.501  3.372   -1.407  1.00 40.51 ? 147 HOH A O     1 
HETATM 464 O O     . HOH D 3 .  ? 2.120   -11.987 4.738   1.00 43.03 ? 151 HOH A O     1 
HETATM 465 O O     . HOH D 3 .  ? -21.380 13.241  -3.257  1.00 49.00 ? 152 HOH A O     1 
HETATM 466 O O     . HOH D 3 .  ? 3.621   -9.682  5.778   1.00 47.87 ? 154 HOH A O     1 
HETATM 467 O O     . HOH D 3 .  ? -13.644 9.365   7.452   1.00 51.30 ? 159 HOH A O     1 
HETATM 468 O O     . HOH D 3 .  ? -0.593  7.800   -9.412  1.00 54.91 ? 161 HOH A O     1 
HETATM 469 O O     . HOH D 3 .  ? 12.620  -2.017  -5.424  1.00 51.68 ? 162 HOH A O     1 
HETATM 470 O O     . HOH D 3 .  ? -3.533  7.712   -9.487  1.00 59.10 ? 163 HOH A O     1 
HETATM 471 O O     . HOH D 3 .  ? 13.270  0.237   -7.507  1.00 64.84 ? 165 HOH A O     1 
HETATM 472 O O     . HOH D 3 .  ? -13.908 7.764   3.193   1.00 58.32 ? 167 HOH A O     1 
HETATM 473 O O     . HOH D 3 .  ? -14.114 19.516  -0.409  1.00 67.38 ? 168 HOH A O     1 
HETATM 474 O O     . HOH E 3 .  ? 2.578   -8.432  -5.702  1.00 32.79 ? 101 HOH B O     1 
HETATM 475 O O     . HOH E 3 .  ? -5.554  -5.341  3.361   1.00 44.51 ? 103 HOH B O     1 
HETATM 476 O O     . HOH E 3 .  ? 7.365   -11.391 -6.534  1.00 31.23 ? 107 HOH B O     1 
HETATM 477 O O     . HOH E 3 .  ? -3.335  -1.619  3.800   1.00 39.89 ? 109 HOH B O     1 
HETATM 478 O O     . HOH E 3 .  ? -1.671  4.816   5.821   1.00 31.39 ? 110 HOH B O     1 
HETATM 479 O O     . HOH E 3 .  ? -2.979  1.411   3.881   1.00 36.87 ? 111 HOH B O     1 
HETATM 480 O O     . HOH E 3 .  ? -0.431  -6.686  -4.306  1.00 38.61 ? 114 HOH B O     1 
HETATM 481 O O     . HOH E 3 .  ? 6.668   7.300   -5.235  1.00 44.98 ? 117 HOH B O     1 
HETATM 482 O O     . HOH E 3 .  ? -0.139  -16.617 -6.815  1.00 43.20 ? 119 HOH B O     1 
HETATM 483 O O     . HOH E 3 .  ? -3.875  12.750  -2.890  1.00 44.92 ? 121 HOH B O     1 
HETATM 484 O O     . HOH E 3 .  ? 6.974   13.499  -0.007  1.00 42.64 ? 122 HOH B O     1 
HETATM 485 O O     . HOH E 3 .  ? -1.415  -14.396 -4.472  1.00 46.46 ? 126 HOH B O     1 
HETATM 486 O O     . HOH E 3 .  ? 1.976   1.973   8.972   1.00 39.82 ? 128 HOH B O     1 
HETATM 487 O O     . HOH E 3 .  ? 10.238  11.889  -0.021  1.00 50.72 ? 129 HOH B O     1 
HETATM 488 O O     . HOH E 3 .  ? 1.469   -9.584  -10.449 1.00 52.82 ? 132 HOH B O     1 
HETATM 489 O O     . HOH E 3 .  ? 5.590   -10.612 -8.236  1.00 37.32 ? 134 HOH B O     1 
HETATM 490 O O     . HOH E 3 .  ? 3.458   -18.372 -11.254 1.00 48.52 ? 135 HOH B O     1 
HETATM 491 O O     . HOH E 3 .  ? -0.375  -10.297 5.060   1.00 46.99 ? 136 HOH B O     1 
HETATM 492 O O     . HOH E 3 .  ? -1.665  -7.529  -6.310  1.00 47.15 ? 138 HOH B O     1 
HETATM 493 O O     . HOH E 3 .  ? -1.137  4.782   8.647   1.00 48.14 ? 139 HOH B O     1 
HETATM 494 O O     . HOH E 3 .  ? 0.485   -8.966  6.919   1.00 44.35 ? 140 HOH B O     1 
HETATM 495 O O     . HOH E 3 .  ? -6.820  -15.602 -3.716  1.00 45.69 ? 141 HOH B O     1 
HETATM 496 O O     . HOH E 3 .  ? -8.426  -13.592 -4.717  1.00 52.94 ? 142 HOH B O     1 
HETATM 497 O O     . HOH E 3 .  ? 0.724   10.136  -3.791  1.00 52.14 ? 143 HOH B O     1 
HETATM 498 O O     . HOH E 3 .  ? -3.637  -4.788  -0.552  1.00 44.73 ? 146 HOH B O     1 
HETATM 499 O O     . HOH E 3 .  ? -4.223  -15.666 -2.587  1.00 49.63 ? 148 HOH B O     1 
HETATM 500 O O     . HOH E 3 .  ? -1.812  -4.750  -2.427  1.00 40.17 ? 149 HOH B O     1 
HETATM 501 O O     . HOH E 3 .  ? -5.158  -2.989  7.369   1.00 51.72 ? 150 HOH B O     1 
HETATM 502 O O     . HOH E 3 .  ? 9.498   14.633  -2.202  1.00 60.49 ? 153 HOH B O     1 
HETATM 503 O O     . HOH E 3 .  ? -9.519  -12.881 0.082   1.00 55.50 ? 155 HOH B O     1 
HETATM 504 O O     . HOH E 3 .  ? 8.855   8.795   -5.478  1.00 51.72 ? 156 HOH B O     1 
HETATM 505 O O     . HOH E 3 .  ? 5.928   -5.282  8.493   1.00 46.19 ? 157 HOH B O     1 
HETATM 506 O O     . HOH E 3 .  ? 10.352  7.048   -3.131  1.00 51.23 ? 158 HOH B O     1 
HETATM 507 O O     . HOH E 3 .  ? 1.753   9.020   -6.503  1.00 48.63 ? 160 HOH B O     1 
HETATM 508 O O     . HOH E 3 .  ? -6.142  -1.069  9.926   1.00 64.16 ? 164 HOH B O     1 
HETATM 509 O O     . HOH E 3 .  ? -2.921  -8.982  -9.791  1.00 63.52 ? 166 HOH B O     1 
# 
